data_4FIX
#
_entry.id   4FIX
#
_cell.length_a   150.791
_cell.length_b   150.791
_cell.length_c   148.016
_cell.angle_alpha   90.00
_cell.angle_beta   90.00
_cell.angle_gamma   90.00
#
_symmetry.space_group_name_H-M   'P 4 21 2'
#
loop_
_entity.id
_entity.type
_entity.pdbx_description
1 polymer 'UDP-galactofuranosyl transferase GlfT2'
2 non-polymer GLYCEROL
3 non-polymer 'MANGANESE (II) ION'
4 non-polymer BETA-MERCAPTOETHANOL
5 water water
#
_entity_poly.entity_id   1
_entity_poly.type   'polypeptide(L)'
_entity_poly.pdbx_seq_one_letter_code
;MGSSHHHHHHSSGLVPRGSHMSELAASLLSRVILPRPGEPLDVRKLYLEESTTNARRAHAPTRTSLQIGAESEVSFATYF
NAFPASYWRRWTTCKSVVLRVQVTGAGRVDVYRTKATGARIFVEGHDFTGTEDQPAAVETEVVLQPFEDGGWVWFDITTD
TAVTLHSGGWYATSPAPGTANIAVGIPTFNRPADCVNALRELTADPLVDQVIGAVIVPDQGERKVRDHPDFPAAAARLGS
RLSIHDQPNLGGSGGYSRVMYEALKNTDCQQILFMDDDIRLEPDSILRVLAMHRFAKAPMLVGGQMLNLQEPSHLHIMGE
VVDRSIFMWTAAPHAEYDHDFAEYPLNDNNSRSKLLHRRIDVDYNGWWTCMIPRQVAEELGQPLPLFIKWDDADYGLRAA
EHGYPTVTLPGAAIWHMAWSDKDDAIDWQAYFHLRNRLVVAAMHWDGPKAQVIGLVRSHLKATLKHLACLEYSTVAIQNK
AIDDFLAGPEHIFSILESALPQVHRIRKSYPDAVVLPAASELPPPLHKNKAMKPPVNPLVIGYRLARGIMHNLTAANPQH
HRRPEFNVPTQDARWFLLCTVDGATVTTADGCGVVYRQRDRAKMFALLWQSLRRQRQLLKRFEEMRRIYRDALPTLSSKQ
KWETALLPAANQEPEHG
;
_entity_poly.pdbx_strand_id   A,B
#
loop_
_chem_comp.id
_chem_comp.type
_chem_comp.name
_chem_comp.formula
BME non-polymer BETA-MERCAPTOETHANOL 'C2 H6 O S'
GOL non-polymer GLYCEROL 'C3 H8 O3'
MN non-polymer 'MANGANESE (II) ION' 'Mn 2'
#
# COMPACT_ATOMS: atom_id res chain seq x y z
N MET A 21 -6.60 10.63 -39.13
CA MET A 21 -8.01 10.75 -38.65
C MET A 21 -8.05 11.44 -37.26
N SER A 22 -9.15 11.27 -36.52
CA SER A 22 -9.26 11.75 -35.14
C SER A 22 -8.60 10.76 -34.16
N GLU A 23 -7.97 9.73 -34.73
CA GLU A 23 -7.08 8.84 -33.98
C GLU A 23 -5.83 9.59 -33.60
N LEU A 24 -5.47 10.59 -34.41
CA LEU A 24 -4.43 11.56 -34.09
C LEU A 24 -4.81 12.39 -32.88
N ALA A 25 -6.02 12.94 -32.92
CA ALA A 25 -6.52 13.79 -31.84
C ALA A 25 -6.58 13.07 -30.48
N ALA A 26 -6.89 11.77 -30.50
CA ALA A 26 -7.00 10.98 -29.27
C ALA A 26 -5.65 10.57 -28.67
N SER A 27 -4.59 10.67 -29.47
CA SER A 27 -3.25 10.28 -29.02
C SER A 27 -2.30 11.46 -28.86
N LEU A 28 -2.83 12.68 -29.02
CA LEU A 28 -2.03 13.91 -28.88
C LEU A 28 -1.59 14.10 -27.44
N LEU A 29 -0.30 14.23 -27.22
CA LEU A 29 0.23 14.44 -25.87
C LEU A 29 0.48 15.90 -25.58
N SER A 30 1.10 16.59 -26.53
CA SER A 30 1.66 17.91 -26.32
C SER A 30 1.82 18.60 -27.66
N ARG A 31 1.11 19.72 -27.83
CA ARG A 31 1.17 20.45 -29.08
C ARG A 31 2.42 21.32 -29.12
N VAL A 32 2.96 21.51 -30.31
CA VAL A 32 3.99 22.52 -30.53
C VAL A 32 3.29 23.89 -30.57
N ILE A 33 3.67 24.76 -29.64
CA ILE A 33 2.98 26.05 -29.48
C ILE A 33 3.93 27.25 -29.59
N LEU A 34 3.36 28.38 -29.97
CA LEU A 34 4.14 29.57 -30.28
C LEU A 34 3.57 30.76 -29.53
N PRO A 35 4.37 31.84 -29.35
CA PRO A 35 3.94 33.00 -28.57
C PRO A 35 2.84 33.81 -29.23
N ARG A 36 2.07 34.52 -28.42
CA ARG A 36 1.10 35.50 -28.90
C ARG A 36 1.84 36.68 -29.51
N PRO A 37 1.21 37.38 -30.46
CA PRO A 37 1.77 38.63 -31.01
C PRO A 37 2.11 39.61 -29.89
N GLY A 38 3.22 40.33 -30.05
CA GLY A 38 3.60 41.32 -29.04
C GLY A 38 4.22 40.74 -27.78
N GLU A 39 4.46 39.43 -27.77
CA GLU A 39 5.09 38.76 -26.63
C GLU A 39 6.53 39.25 -26.46
N PRO A 40 6.92 39.67 -25.23
CA PRO A 40 8.30 40.09 -24.99
C PRO A 40 9.29 39.02 -25.39
N LEU A 41 10.44 39.43 -25.91
CA LEU A 41 11.43 38.52 -26.44
C LEU A 41 11.90 37.47 -25.43
N ASP A 42 11.99 37.86 -24.15
CA ASP A 42 12.37 36.93 -23.08
C ASP A 42 11.45 35.72 -23.00
N VAL A 43 10.14 35.98 -23.05
CA VAL A 43 9.11 34.95 -22.89
C VAL A 43 9.07 34.03 -24.10
N ARG A 44 9.39 34.58 -25.26
CA ARG A 44 9.47 33.81 -26.50
C ARG A 44 10.50 32.69 -26.42
N LYS A 45 11.49 32.86 -25.55
CA LYS A 45 12.50 31.82 -25.31
C LYS A 45 11.93 30.55 -24.71
N LEU A 46 10.72 30.62 -24.16
CA LEU A 46 10.06 29.45 -23.59
C LEU A 46 9.51 28.57 -24.70
N TYR A 47 9.43 29.12 -25.91
CA TYR A 47 8.77 28.49 -27.04
C TYR A 47 9.75 28.12 -28.15
N LEU A 48 10.62 29.06 -28.51
CA LEU A 48 11.53 28.86 -29.63
C LEU A 48 12.81 29.64 -29.40
N GLU A 49 13.90 29.12 -29.94
CA GLU A 49 15.20 29.76 -29.81
C GLU A 49 15.73 29.95 -31.23
N GLU A 50 15.90 31.20 -31.62
CA GLU A 50 16.28 31.48 -33.00
C GLU A 50 17.75 31.88 -33.06
N SER A 51 18.44 31.40 -34.09
CA SER A 51 19.82 31.80 -34.29
C SER A 51 19.92 33.30 -34.62
N THR A 52 20.89 33.97 -34.01
CA THR A 52 21.16 35.39 -34.25
C THR A 52 21.73 35.63 -35.63
N THR A 53 22.14 34.55 -36.30
CA THR A 53 22.62 34.67 -37.68
C THR A 53 21.47 34.76 -38.68
N ASN A 54 20.24 34.51 -38.25
CA ASN A 54 19.07 34.58 -39.15
C ASN A 54 18.84 36.00 -39.64
N ALA A 55 18.40 36.15 -40.89
CA ALA A 55 18.15 37.48 -41.45
C ALA A 55 17.04 38.21 -40.70
N ARG A 56 15.99 37.48 -40.34
CA ARG A 56 14.80 38.07 -39.71
C ARG A 56 14.23 37.22 -38.58
N ARG A 57 13.44 37.85 -37.72
CA ARG A 57 12.76 37.11 -36.65
C ARG A 57 11.69 36.20 -37.25
N ALA A 58 11.56 34.99 -36.71
CA ALA A 58 10.49 34.12 -37.13
C ALA A 58 9.17 34.73 -36.72
N HIS A 59 8.14 34.50 -37.53
CA HIS A 59 6.84 35.09 -37.28
C HIS A 59 5.76 34.04 -37.03
N ALA A 60 5.01 34.21 -35.94
CA ALA A 60 3.92 33.29 -35.56
C ALA A 60 2.54 33.84 -35.93
N PRO A 61 1.99 33.40 -37.07
CA PRO A 61 0.69 33.97 -37.46
C PRO A 61 -0.45 33.47 -36.56
N THR A 62 -0.29 32.29 -35.96
CA THR A 62 -1.22 31.79 -34.93
C THR A 62 -0.40 31.15 -33.81
N ARG A 63 -1.07 30.72 -32.75
CA ARG A 63 -0.40 30.09 -31.61
C ARG A 63 0.13 28.67 -31.89
N THR A 64 -0.19 28.12 -33.06
CA THR A 64 0.22 26.77 -33.40
C THR A 64 0.96 26.68 -34.75
N SER A 65 1.38 27.84 -35.27
CA SER A 65 2.08 27.88 -36.55
C SER A 65 3.20 28.90 -36.55
N LEU A 66 4.16 28.74 -37.46
CA LEU A 66 5.33 29.60 -37.52
C LEU A 66 5.85 29.78 -38.95
N GLN A 67 6.16 31.02 -39.31
CA GLN A 67 6.87 31.32 -40.56
C GLN A 67 8.35 31.58 -40.29
N ILE A 68 9.20 30.85 -41.03
CA ILE A 68 10.65 30.93 -40.88
C ILE A 68 11.25 31.37 -42.23
N GLY A 69 12.12 32.37 -42.19
CA GLY A 69 12.75 32.89 -43.41
C GLY A 69 13.60 31.81 -44.09
N ALA A 70 13.96 32.05 -45.34
CA ALA A 70 14.96 31.20 -46.02
C ALA A 70 16.30 31.19 -45.26
N GLU A 71 17.07 30.13 -45.44
CA GLU A 71 18.44 30.03 -44.86
C GLU A 71 18.49 30.40 -43.38
N SER A 72 17.56 29.86 -42.60
CA SER A 72 17.45 30.19 -41.18
C SER A 72 17.32 28.94 -40.32
N GLU A 73 17.68 29.04 -39.04
CA GLU A 73 17.59 27.93 -38.14
C GLU A 73 16.78 28.33 -36.91
N VAL A 74 15.78 27.52 -36.57
CA VAL A 74 15.10 27.70 -35.30
C VAL A 74 15.15 26.38 -34.52
N SER A 75 15.40 26.50 -33.22
CA SER A 75 15.47 25.36 -32.33
C SER A 75 14.25 25.33 -31.45
N PHE A 76 13.67 24.15 -31.29
CA PHE A 76 12.53 23.96 -30.39
C PHE A 76 12.97 23.21 -29.11
N ALA A 77 14.25 23.36 -28.76
CA ALA A 77 14.79 22.88 -27.49
C ALA A 77 14.38 23.87 -26.40
N THR A 78 13.10 23.84 -26.05
CA THR A 78 12.57 24.88 -25.18
C THR A 78 11.62 24.34 -24.15
N TYR A 79 11.36 25.16 -23.14
CA TYR A 79 10.46 24.78 -22.08
C TYR A 79 9.14 24.20 -22.60
N PHE A 80 8.45 24.91 -23.48
CA PHE A 80 7.15 24.45 -23.96
C PHE A 80 7.14 23.45 -25.11
N ASN A 81 8.20 23.38 -25.90
CA ASN A 81 8.13 22.60 -27.14
C ASN A 81 8.96 21.33 -27.20
N ALA A 82 9.93 21.22 -26.30
CA ALA A 82 10.67 19.98 -26.15
C ALA A 82 9.79 19.00 -25.37
N PHE A 83 10.12 17.71 -25.46
CA PHE A 83 9.35 16.65 -24.85
C PHE A 83 10.14 16.06 -23.65
N PRO A 84 9.56 16.12 -22.43
CA PRO A 84 10.25 15.65 -21.21
C PRO A 84 10.22 14.14 -21.10
N ALA A 85 11.00 13.51 -21.96
CA ALA A 85 10.89 12.09 -22.29
C ALA A 85 10.99 11.16 -21.08
N SER A 86 11.94 11.46 -20.20
CA SER A 86 12.22 10.65 -19.02
C SER A 86 11.03 10.54 -18.08
N TYR A 87 10.22 11.59 -18.03
CA TYR A 87 9.03 11.58 -17.17
C TYR A 87 7.97 10.62 -17.72
N TRP A 88 7.80 10.64 -19.04
CA TRP A 88 6.90 9.74 -19.74
C TRP A 88 7.35 8.29 -19.65
N ARG A 89 8.65 8.06 -19.67
CA ARG A 89 9.20 6.72 -19.52
C ARG A 89 8.91 6.21 -18.11
N ARG A 90 9.13 7.07 -17.12
CA ARG A 90 9.05 6.71 -15.71
C ARG A 90 7.63 6.38 -15.28
N TRP A 91 6.68 7.22 -15.70
CA TRP A 91 5.30 7.18 -15.19
C TRP A 91 4.18 6.69 -16.13
N THR A 92 4.47 6.52 -17.42
CA THR A 92 3.39 6.18 -18.38
C THR A 92 3.68 4.90 -19.16
N THR A 93 2.66 4.37 -19.83
CA THR A 93 2.81 3.15 -20.64
C THR A 93 3.37 3.40 -22.05
N CYS A 94 3.64 4.67 -22.37
CA CYS A 94 4.15 5.02 -23.69
C CYS A 94 5.58 4.54 -23.86
N LYS A 95 5.77 3.56 -24.73
CA LYS A 95 7.09 3.01 -25.03
C LYS A 95 7.87 3.90 -25.99
N SER A 96 7.13 4.68 -26.78
CA SER A 96 7.70 5.62 -27.72
C SER A 96 6.81 6.84 -27.90
N VAL A 97 7.38 7.90 -28.47
CA VAL A 97 6.62 9.09 -28.80
C VAL A 97 6.82 9.37 -30.29
N VAL A 98 5.79 9.90 -30.94
CA VAL A 98 5.89 10.27 -32.35
C VAL A 98 5.83 11.79 -32.47
N LEU A 99 6.86 12.36 -33.08
CA LEU A 99 6.83 13.75 -33.47
C LEU A 99 6.20 13.84 -34.84
N ARG A 100 5.18 14.70 -34.97
CA ARG A 100 4.51 14.92 -36.24
C ARG A 100 4.49 16.42 -36.53
N VAL A 101 5.10 16.81 -37.64
CA VAL A 101 5.02 18.19 -38.10
C VAL A 101 4.55 18.28 -39.54
N GLN A 102 3.84 19.35 -39.83
CA GLN A 102 3.40 19.63 -41.17
C GLN A 102 4.10 20.91 -41.62
N VAL A 103 4.80 20.81 -42.75
CA VAL A 103 5.66 21.90 -43.22
C VAL A 103 5.52 22.17 -44.73
N THR A 104 5.71 23.43 -45.10
CA THR A 104 5.78 23.84 -46.49
C THR A 104 7.12 24.53 -46.69
N GLY A 105 7.54 24.68 -47.95
CA GLY A 105 8.88 25.15 -48.26
C GLY A 105 9.85 23.99 -48.22
N ALA A 106 11.15 24.27 -48.28
CA ALA A 106 12.18 23.22 -48.27
C ALA A 106 13.17 23.42 -47.13
N GLY A 107 13.48 22.32 -46.43
CA GLY A 107 14.41 22.39 -45.30
C GLY A 107 14.58 21.04 -44.63
N ARG A 108 15.11 21.04 -43.42
CA ARG A 108 15.35 19.81 -42.70
C ARG A 108 14.78 19.93 -41.30
N VAL A 109 14.13 18.86 -40.84
CA VAL A 109 13.72 18.71 -39.46
C VAL A 109 14.74 17.80 -38.82
N ASP A 110 15.46 18.34 -37.83
CA ASP A 110 16.44 17.54 -37.09
C ASP A 110 15.95 17.24 -35.67
N VAL A 111 16.05 15.96 -35.32
CA VAL A 111 15.53 15.47 -34.06
C VAL A 111 16.68 15.12 -33.12
N TYR A 112 16.61 15.61 -31.89
CA TYR A 112 17.67 15.41 -30.90
C TYR A 112 17.10 14.88 -29.59
N ARG A 113 17.99 14.30 -28.79
CA ARG A 113 17.67 13.94 -27.41
C ARG A 113 18.88 14.25 -26.53
N THR A 114 18.68 14.21 -25.21
CA THR A 114 19.77 14.41 -24.28
C THR A 114 19.89 13.25 -23.32
N LYS A 115 21.11 13.06 -22.83
CA LYS A 115 21.35 12.22 -21.69
C LYS A 115 21.01 13.07 -20.48
N ALA A 116 20.87 12.43 -19.33
CA ALA A 116 20.56 13.09 -18.07
C ALA A 116 21.63 14.13 -17.65
N THR A 117 22.82 14.06 -18.26
CA THR A 117 23.90 15.04 -18.04
C THR A 117 23.68 16.32 -18.82
N GLY A 118 22.77 16.29 -19.81
CA GLY A 118 22.57 17.40 -20.72
C GLY A 118 23.25 17.26 -22.08
N ALA A 119 24.08 16.24 -22.23
CA ALA A 119 24.77 15.97 -23.49
C ALA A 119 23.76 15.71 -24.60
N ARG A 120 23.89 16.47 -25.68
CA ARG A 120 22.96 16.40 -26.79
C ARG A 120 23.42 15.31 -27.73
N ILE A 121 22.45 14.60 -28.29
CA ILE A 121 22.70 13.50 -29.18
C ILE A 121 21.79 13.65 -30.39
N PHE A 122 22.39 13.62 -31.57
CA PHE A 122 21.62 13.67 -32.81
C PHE A 122 20.97 12.31 -33.06
N VAL A 123 19.65 12.32 -33.23
CA VAL A 123 18.92 11.09 -33.49
C VAL A 123 18.70 10.87 -35.00
N GLU A 124 18.00 11.78 -35.66
CA GLU A 124 17.75 11.65 -37.11
C GLU A 124 17.28 12.93 -37.73
N GLY A 125 17.69 13.13 -38.99
CA GLY A 125 17.23 14.25 -39.80
C GLY A 125 16.29 13.82 -40.90
N HIS A 126 15.43 14.74 -41.32
CA HIS A 126 14.52 14.50 -42.44
C HIS A 126 14.43 15.74 -43.32
N ASP A 127 14.98 15.65 -44.52
CA ASP A 127 14.77 16.68 -45.53
C ASP A 127 13.35 16.61 -46.02
N PHE A 128 12.76 17.78 -46.27
CA PHE A 128 11.41 17.85 -46.80
C PHE A 128 11.33 18.91 -47.86
N THR A 129 10.30 18.78 -48.69
CA THR A 129 9.94 19.80 -49.66
C THR A 129 8.42 19.75 -49.76
N GLY A 130 7.76 20.83 -49.38
CA GLY A 130 6.32 20.90 -49.45
C GLY A 130 5.84 22.21 -50.01
N THR A 131 4.60 22.24 -50.48
CA THR A 131 3.97 23.50 -50.92
C THR A 131 2.68 23.71 -50.14
N GLU A 132 2.14 24.91 -50.16
CA GLU A 132 0.85 25.19 -49.52
C GLU A 132 -0.23 24.24 -50.00
N ASP A 133 -0.23 23.95 -51.30
CA ASP A 133 -1.19 23.00 -51.85
C ASP A 133 -0.89 21.57 -51.38
N GLN A 134 0.37 21.14 -51.48
CA GLN A 134 0.76 19.79 -51.05
C GLN A 134 1.76 19.87 -49.90
N PRO A 135 1.28 20.09 -48.67
CA PRO A 135 2.20 20.25 -47.55
C PRO A 135 2.93 18.95 -47.25
N ALA A 136 4.15 19.06 -46.73
CA ALA A 136 4.93 17.89 -46.36
C ALA A 136 4.61 17.47 -44.94
N ALA A 137 4.46 16.17 -44.75
CA ALA A 137 4.33 15.57 -43.43
C ALA A 137 5.68 14.98 -43.04
N VAL A 138 6.19 15.35 -41.87
CA VAL A 138 7.42 14.77 -41.34
C VAL A 138 7.11 14.12 -39.99
N GLU A 139 7.40 12.81 -39.90
CA GLU A 139 7.16 11.97 -38.73
C GLU A 139 8.43 11.30 -38.22
N THR A 140 8.56 11.21 -36.90
CA THR A 140 9.74 10.62 -36.29
C THR A 140 9.32 9.96 -34.98
N GLU A 141 9.43 8.64 -34.94
CA GLU A 141 9.16 7.88 -33.73
C GLU A 141 10.42 7.78 -32.89
N VAL A 142 10.34 8.18 -31.62
CA VAL A 142 11.49 8.05 -30.73
C VAL A 142 11.16 7.12 -29.56
N VAL A 143 11.88 6.00 -29.45
CA VAL A 143 11.69 5.06 -28.36
C VAL A 143 12.17 5.70 -27.07
N LEU A 144 11.48 5.42 -25.98
CA LEU A 144 11.76 6.10 -24.72
C LEU A 144 12.70 5.31 -23.82
N GLN A 145 13.36 4.31 -24.40
CA GLN A 145 14.21 3.38 -23.66
C GLN A 145 15.43 4.04 -22.99
N PRO A 146 16.13 4.95 -23.70
CA PRO A 146 17.36 5.46 -23.10
C PRO A 146 17.18 6.66 -22.14
N PHE A 147 16.03 6.76 -21.47
CA PHE A 147 15.81 7.90 -20.58
C PHE A 147 15.61 7.51 -19.12
N GLU A 148 16.34 6.50 -18.66
CA GLU A 148 16.14 5.98 -17.31
C GLU A 148 16.17 7.04 -16.20
N ASP A 149 17.16 7.94 -16.24
CA ASP A 149 17.16 8.96 -15.18
C ASP A 149 17.29 10.39 -15.63
N GLY A 150 16.88 10.65 -16.88
CA GLY A 150 16.78 12.01 -17.37
C GLY A 150 16.79 12.06 -18.88
N GLY A 151 16.58 13.27 -19.42
CA GLY A 151 16.75 13.54 -20.84
C GLY A 151 15.49 14.07 -21.50
N TRP A 152 15.67 14.96 -22.47
CA TRP A 152 14.54 15.46 -23.26
C TRP A 152 14.68 15.02 -24.71
N VAL A 153 13.61 15.19 -25.48
CA VAL A 153 13.64 15.06 -26.93
C VAL A 153 13.15 16.38 -27.49
N TRP A 154 13.76 16.84 -28.59
CA TRP A 154 13.30 18.04 -29.29
C TRP A 154 13.65 18.01 -30.77
N PHE A 155 13.11 18.99 -31.51
CA PHE A 155 13.51 19.18 -32.89
C PHE A 155 13.97 20.61 -33.16
N ASP A 156 14.78 20.75 -34.20
CA ASP A 156 15.14 22.02 -34.82
C ASP A 156 14.69 22.00 -36.27
N ILE A 157 14.47 23.18 -36.84
CA ILE A 157 14.26 23.29 -38.28
C ILE A 157 15.34 24.21 -38.85
N THR A 158 16.07 23.70 -39.83
CA THR A 158 16.99 24.49 -40.63
C THR A 158 16.45 24.58 -42.05
N THR A 159 16.22 25.79 -42.53
CA THR A 159 15.54 26.01 -43.80
C THR A 159 16.49 26.14 -44.98
N ASP A 160 16.00 25.75 -46.15
CA ASP A 160 16.64 26.05 -47.42
C ASP A 160 15.86 27.26 -47.92
N THR A 161 14.61 27.05 -48.35
CA THR A 161 13.73 28.14 -48.73
C THR A 161 12.86 28.53 -47.54
N ALA A 162 12.09 29.60 -47.67
CA ALA A 162 11.16 29.99 -46.61
C ALA A 162 10.25 28.80 -46.27
N VAL A 163 10.02 28.58 -44.99
CA VAL A 163 9.26 27.46 -44.47
C VAL A 163 8.13 27.95 -43.56
N THR A 164 6.92 27.40 -43.75
CA THR A 164 5.87 27.52 -42.75
C THR A 164 5.66 26.18 -42.04
N LEU A 165 5.82 26.20 -40.73
CA LEU A 165 5.41 25.12 -39.87
C LEU A 165 3.93 25.32 -39.58
N HIS A 166 3.07 24.49 -40.17
CA HIS A 166 1.61 24.67 -40.02
C HIS A 166 1.09 24.09 -38.73
N SER A 167 1.72 23.01 -38.26
CA SER A 167 1.36 22.39 -36.99
C SER A 167 2.47 21.42 -36.59
N GLY A 168 2.53 21.13 -35.29
CA GLY A 168 3.46 20.16 -34.76
C GLY A 168 2.90 19.60 -33.49
N GLY A 169 3.19 18.33 -33.22
CA GLY A 169 2.75 17.69 -32.00
C GLY A 169 3.59 16.49 -31.61
N TRP A 170 3.60 16.20 -30.32
CA TRP A 170 4.11 14.93 -29.78
C TRP A 170 2.92 14.01 -29.53
N TYR A 171 2.97 12.82 -30.11
CA TYR A 171 1.84 11.90 -30.08
C TYR A 171 2.25 10.57 -29.50
N ALA A 172 1.33 9.93 -28.78
CA ALA A 172 1.45 8.52 -28.40
C ALA A 172 1.05 7.66 -29.61
N THR A 173 1.40 6.37 -29.57
CA THR A 173 1.10 5.46 -30.69
C THR A 173 -0.25 4.78 -30.57
N SER A 174 -0.99 5.10 -29.52
CA SER A 174 -2.32 4.54 -29.30
C SER A 174 -3.20 5.57 -28.58
N PRO A 175 -4.55 5.44 -28.69
CA PRO A 175 -5.43 6.43 -28.07
C PRO A 175 -5.27 6.48 -26.56
N ALA A 176 -5.53 7.66 -26.00
CA ALA A 176 -5.52 7.87 -24.57
C ALA A 176 -6.61 7.03 -23.89
N PRO A 177 -6.25 6.29 -22.83
CA PRO A 177 -7.24 5.50 -22.10
C PRO A 177 -8.16 6.39 -21.26
N GLY A 178 -9.24 5.80 -20.77
CA GLY A 178 -10.18 6.49 -19.88
C GLY A 178 -11.03 7.53 -20.58
N THR A 179 -11.78 8.29 -19.78
CA THR A 179 -12.57 9.39 -20.29
C THR A 179 -12.11 10.69 -19.67
N ALA A 180 -11.97 11.71 -20.52
CA ALA A 180 -11.57 13.04 -20.08
C ALA A 180 -12.81 13.80 -19.62
N ASN A 181 -12.81 14.17 -18.35
CA ASN A 181 -13.94 14.82 -17.71
C ASN A 181 -13.44 15.46 -16.42
N ILE A 182 -12.94 16.68 -16.55
CA ILE A 182 -12.25 17.37 -15.45
C ILE A 182 -13.19 18.29 -14.67
N ALA A 183 -13.11 18.20 -13.34
CA ALA A 183 -13.67 19.22 -12.47
C ALA A 183 -12.53 20.12 -12.05
N VAL A 184 -12.57 21.37 -12.51
CA VAL A 184 -11.59 22.37 -12.17
C VAL A 184 -12.04 23.14 -10.93
N GLY A 185 -11.13 23.26 -9.96
CA GLY A 185 -11.41 23.98 -8.73
C GLY A 185 -10.61 25.25 -8.56
N ILE A 186 -11.29 26.34 -8.23
CA ILE A 186 -10.64 27.64 -8.06
C ILE A 186 -11.18 28.39 -6.84
N PRO A 187 -10.56 28.18 -5.66
CA PRO A 187 -10.87 28.99 -4.50
C PRO A 187 -10.47 30.43 -4.76
N THR A 188 -11.31 31.37 -4.35
CA THR A 188 -11.06 32.78 -4.57
C THR A 188 -11.44 33.58 -3.32
N PHE A 189 -10.66 34.63 -3.04
CA PHE A 189 -10.84 35.45 -1.83
C PHE A 189 -10.47 36.91 -2.13
N ASN A 190 -11.52 37.72 -2.35
CA ASN A 190 -11.40 39.14 -2.64
C ASN A 190 -10.54 39.47 -3.87
N ARG A 191 -10.55 38.60 -4.87
CA ARG A 191 -9.89 38.86 -6.15
C ARG A 191 -10.86 38.58 -7.30
N PRO A 192 -12.00 39.28 -7.33
CA PRO A 192 -13.01 38.97 -8.33
C PRO A 192 -12.51 39.09 -9.77
N ALA A 193 -11.69 40.11 -10.05
CA ALA A 193 -11.14 40.33 -11.39
C ALA A 193 -10.19 39.23 -11.83
N ASP A 194 -9.35 38.75 -10.91
CA ASP A 194 -8.47 37.64 -11.21
C ASP A 194 -9.28 36.37 -11.46
N CYS A 195 -10.28 36.13 -10.61
CA CYS A 195 -11.11 34.95 -10.74
C CYS A 195 -11.85 34.95 -12.07
N VAL A 196 -12.45 36.09 -12.43
CA VAL A 196 -13.14 36.24 -13.72
C VAL A 196 -12.20 35.93 -14.89
N ASN A 197 -10.97 36.42 -14.81
CA ASN A 197 -9.94 36.13 -15.82
C ASN A 197 -9.66 34.63 -15.94
N ALA A 198 -9.45 33.97 -14.80
CA ALA A 198 -9.23 32.52 -14.76
C ALA A 198 -10.37 31.74 -15.44
N LEU A 199 -11.61 32.10 -15.11
CA LEU A 199 -12.80 31.48 -15.72
C LEU A 199 -12.82 31.66 -17.23
N ARG A 200 -12.39 32.84 -17.65
CA ARG A 200 -12.37 33.21 -19.07
C ARG A 200 -11.36 32.35 -19.83
N GLU A 201 -10.16 32.21 -19.25
CA GLU A 201 -9.04 31.48 -19.88
C GLU A 201 -9.26 29.97 -19.98
N LEU A 202 -10.07 29.42 -19.08
CA LEU A 202 -10.46 28.02 -19.15
C LEU A 202 -11.20 27.64 -20.45
N THR A 203 -11.95 28.58 -21.01
CA THR A 203 -12.73 28.31 -22.22
C THR A 203 -12.11 28.90 -23.50
N ALA A 204 -10.93 29.51 -23.37
CA ALA A 204 -10.25 30.13 -24.51
C ALA A 204 -9.86 29.10 -25.59
N ASP A 205 -9.32 27.97 -25.16
CA ASP A 205 -8.92 26.90 -26.08
C ASP A 205 -10.02 25.83 -26.15
N PRO A 206 -10.62 25.65 -27.34
CA PRO A 206 -11.70 24.68 -27.55
C PRO A 206 -11.37 23.27 -27.06
N LEU A 207 -10.13 22.82 -27.24
CA LEU A 207 -9.70 21.48 -26.81
C LEU A 207 -9.65 21.31 -25.28
N VAL A 208 -9.43 22.42 -24.57
CA VAL A 208 -9.47 22.41 -23.11
C VAL A 208 -10.92 22.48 -22.65
N ASP A 209 -11.69 23.36 -23.28
CA ASP A 209 -13.13 23.49 -23.06
C ASP A 209 -13.86 22.14 -23.09
N GLN A 210 -13.62 21.36 -24.15
CA GLN A 210 -14.26 20.06 -24.35
C GLN A 210 -14.05 19.04 -23.24
N VAL A 211 -12.92 19.14 -22.53
CA VAL A 211 -12.61 18.15 -21.49
C VAL A 211 -12.97 18.62 -20.07
N ILE A 212 -13.50 19.84 -19.96
CA ILE A 212 -13.93 20.38 -18.67
C ILE A 212 -15.40 20.05 -18.43
N GLY A 213 -15.66 19.31 -17.35
CA GLY A 213 -17.03 18.89 -16.99
C GLY A 213 -17.67 19.78 -15.95
N ALA A 214 -16.83 20.37 -15.09
CA ALA A 214 -17.29 21.28 -14.05
C ALA A 214 -16.22 22.28 -13.61
N VAL A 215 -16.67 23.44 -13.14
CA VAL A 215 -15.79 24.42 -12.53
C VAL A 215 -16.40 24.81 -11.18
N ILE A 216 -15.76 24.37 -10.10
CA ILE A 216 -16.20 24.68 -8.75
C ILE A 216 -15.43 25.87 -8.19
N VAL A 217 -16.15 26.91 -7.80
CA VAL A 217 -15.53 28.12 -7.25
C VAL A 217 -16.03 28.39 -5.82
N PRO A 218 -15.24 27.95 -4.81
CA PRO A 218 -15.51 28.36 -3.44
C PRO A 218 -15.14 29.83 -3.28
N ASP A 219 -16.16 30.68 -3.17
CA ASP A 219 -15.95 32.11 -2.99
C ASP A 219 -15.94 32.40 -1.50
N GLN A 220 -14.73 32.65 -0.98
CA GLN A 220 -14.54 32.82 0.46
C GLN A 220 -14.45 34.27 0.92
N GLY A 221 -14.50 35.20 -0.03
CA GLY A 221 -14.33 36.62 0.28
C GLY A 221 -15.66 37.35 0.38
N GLU A 222 -15.59 38.65 0.69
CA GLU A 222 -16.78 39.51 0.71
C GLU A 222 -17.03 40.20 -0.65
N ARG A 223 -15.95 40.50 -1.37
CA ARG A 223 -16.06 41.00 -2.74
C ARG A 223 -16.23 39.84 -3.70
N LYS A 224 -17.49 39.55 -4.02
CA LYS A 224 -17.88 38.35 -4.78
C LYS A 224 -17.55 38.45 -6.24
N VAL A 225 -17.13 37.32 -6.80
CA VAL A 225 -16.81 37.21 -8.23
C VAL A 225 -18.09 37.32 -9.06
N ARG A 226 -19.20 36.87 -8.48
CA ARG A 226 -20.53 36.97 -9.08
C ARG A 226 -20.96 38.43 -9.36
N ASP A 227 -20.43 39.37 -8.56
CA ASP A 227 -20.80 40.79 -8.68
C ASP A 227 -19.88 41.59 -9.63
N HIS A 228 -18.94 40.91 -10.28
CA HIS A 228 -18.00 41.56 -11.19
C HIS A 228 -18.66 41.82 -12.54
N PRO A 229 -18.44 43.01 -13.12
CA PRO A 229 -19.08 43.40 -14.38
C PRO A 229 -18.80 42.47 -15.58
N ASP A 230 -17.68 41.78 -15.57
CA ASP A 230 -17.32 40.88 -16.68
C ASP A 230 -17.66 39.41 -16.41
N PHE A 231 -18.19 39.13 -15.22
CA PHE A 231 -18.55 37.77 -14.81
C PHE A 231 -19.60 37.11 -15.72
N PRO A 232 -20.69 37.84 -16.08
CA PRO A 232 -21.73 37.19 -16.89
C PRO A 232 -21.20 36.63 -18.21
N ALA A 233 -20.31 37.35 -18.87
CA ALA A 233 -19.71 36.89 -20.13
C ALA A 233 -18.82 35.65 -19.93
N ALA A 234 -18.07 35.62 -18.83
CA ALA A 234 -17.25 34.46 -18.53
C ALA A 234 -18.11 33.26 -18.14
N ALA A 235 -19.17 33.54 -17.37
CA ALA A 235 -20.08 32.50 -16.88
C ALA A 235 -20.93 31.88 -17.99
N ALA A 236 -21.20 32.66 -19.04
CA ALA A 236 -22.00 32.18 -20.16
C ALA A 236 -21.30 31.07 -20.93
N ARG A 237 -19.99 31.19 -21.06
CA ARG A 237 -19.17 30.24 -21.82
C ARG A 237 -19.02 28.90 -21.11
N LEU A 238 -19.28 28.88 -19.81
CA LEU A 238 -19.24 27.64 -19.03
C LEU A 238 -20.62 27.03 -18.88
N GLY A 239 -21.65 27.88 -18.85
CA GLY A 239 -23.03 27.45 -18.66
C GLY A 239 -23.23 26.82 -17.30
N SER A 240 -23.88 25.66 -17.28
CA SER A 240 -24.24 24.98 -16.04
C SER A 240 -23.09 24.14 -15.45
N ARG A 241 -21.95 24.13 -16.16
CA ARG A 241 -20.74 23.50 -15.63
C ARG A 241 -20.18 24.27 -14.43
N LEU A 242 -20.48 25.57 -14.37
CA LEU A 242 -19.98 26.44 -13.30
C LEU A 242 -20.90 26.44 -12.08
N SER A 243 -20.30 26.25 -10.91
CA SER A 243 -21.02 26.47 -9.65
C SER A 243 -20.15 27.30 -8.70
N ILE A 244 -20.79 28.25 -8.03
CA ILE A 244 -20.14 29.10 -7.03
C ILE A 244 -20.73 28.77 -5.67
N HIS A 245 -19.85 28.58 -4.69
CA HIS A 245 -20.26 28.22 -3.33
C HIS A 245 -19.74 29.22 -2.32
N ASP A 246 -20.66 29.94 -1.69
CA ASP A 246 -20.32 30.89 -0.64
C ASP A 246 -20.00 30.13 0.64
N GLN A 247 -18.87 30.50 1.27
CA GLN A 247 -18.47 29.96 2.56
C GLN A 247 -17.56 30.96 3.28
N PRO A 248 -17.28 30.73 4.59
CA PRO A 248 -16.37 31.64 5.28
C PRO A 248 -14.93 31.46 4.84
N ASN A 249 -14.06 32.38 5.23
CA ASN A 249 -12.64 32.25 4.94
C ASN A 249 -12.01 31.07 5.69
N LEU A 250 -11.85 29.96 4.98
CA LEU A 250 -11.24 28.75 5.54
C LEU A 250 -9.87 28.48 4.89
N GLY A 251 -9.28 29.53 4.33
CA GLY A 251 -7.96 29.46 3.73
C GLY A 251 -7.91 28.60 2.49
N GLY A 252 -6.70 28.23 2.10
CA GLY A 252 -6.50 27.31 0.98
C GLY A 252 -7.10 25.93 1.26
N SER A 253 -6.91 25.43 2.46
CA SER A 253 -7.41 24.11 2.81
C SER A 253 -8.91 24.01 2.65
N GLY A 254 -9.63 24.96 3.23
CA GLY A 254 -11.08 25.00 3.12
C GLY A 254 -11.53 25.17 1.68
N GLY A 255 -10.83 26.01 0.94
CA GLY A 255 -11.14 26.22 -0.48
C GLY A 255 -11.04 24.93 -1.28
N TYR A 256 -9.87 24.32 -1.25
CA TYR A 256 -9.63 23.09 -1.99
C TYR A 256 -10.40 21.91 -1.40
N SER A 257 -10.62 21.94 -0.09
CA SER A 257 -11.47 20.94 0.52
C SER A 257 -12.87 21.02 -0.09
N ARG A 258 -13.40 22.24 -0.22
CA ARG A 258 -14.71 22.45 -0.85
C ARG A 258 -14.77 21.94 -2.27
N VAL A 259 -13.76 22.31 -3.07
CA VAL A 259 -13.60 21.83 -4.44
C VAL A 259 -13.74 20.31 -4.49
N MET A 260 -12.94 19.61 -3.70
CA MET A 260 -12.94 18.14 -3.69
C MET A 260 -14.28 17.60 -3.20
N TYR A 261 -14.85 18.27 -2.19
CA TYR A 261 -16.15 17.92 -1.63
C TYR A 261 -17.22 17.97 -2.72
N GLU A 262 -17.22 19.06 -3.49
CA GLU A 262 -18.23 19.25 -4.51
C GLU A 262 -18.06 18.31 -5.69
N ALA A 263 -16.81 18.03 -6.05
CA ALA A 263 -16.49 17.19 -7.19
C ALA A 263 -16.94 15.75 -6.98
N LEU A 264 -16.76 15.25 -5.76
CA LEU A 264 -17.11 13.86 -5.45
C LEU A 264 -18.61 13.67 -5.25
N LYS A 265 -19.22 14.61 -4.54
CA LYS A 265 -20.64 14.52 -4.19
C LYS A 265 -21.58 14.94 -5.33
N ASN A 266 -21.23 16.02 -6.03
CA ASN A 266 -22.14 16.66 -6.97
C ASN A 266 -21.77 16.63 -8.47
N THR A 267 -20.71 15.90 -8.82
CA THR A 267 -20.34 15.67 -10.22
C THR A 267 -19.91 14.21 -10.42
N ASP A 268 -19.79 13.79 -11.68
CA ASP A 268 -19.18 12.49 -11.99
C ASP A 268 -17.83 12.62 -12.72
N CYS A 269 -17.17 13.76 -12.54
CA CYS A 269 -15.86 14.01 -13.14
C CYS A 269 -14.81 13.00 -12.68
N GLN A 270 -14.01 12.53 -13.63
CA GLN A 270 -13.01 11.49 -13.36
C GLN A 270 -11.68 12.04 -12.87
N GLN A 271 -11.42 13.31 -13.17
CA GLN A 271 -10.21 13.99 -12.72
C GLN A 271 -10.59 15.24 -11.95
N ILE A 272 -9.89 15.50 -10.85
CA ILE A 272 -10.04 16.74 -10.09
C ILE A 272 -8.79 17.59 -10.26
N LEU A 273 -8.95 18.80 -10.77
CA LEU A 273 -7.85 19.67 -11.08
C LEU A 273 -7.87 20.93 -10.22
N PHE A 274 -7.00 20.96 -9.21
CA PHE A 274 -6.85 22.14 -8.38
C PHE A 274 -6.12 23.21 -9.15
N MET A 275 -6.70 24.41 -9.20
CA MET A 275 -6.01 25.56 -9.77
C MET A 275 -6.11 26.73 -8.79
N ASP A 276 -5.73 27.92 -9.25
CA ASP A 276 -5.72 29.10 -8.41
C ASP A 276 -6.30 30.24 -9.24
N ASP A 277 -6.70 31.32 -8.58
CA ASP A 277 -7.35 32.45 -9.26
C ASP A 277 -6.40 33.49 -9.86
N ASP A 278 -5.28 33.74 -9.19
CA ASP A 278 -4.33 34.76 -9.65
C ASP A 278 -3.26 34.13 -10.55
N ILE A 279 -3.73 33.53 -11.65
CA ILE A 279 -2.87 32.84 -12.60
C ILE A 279 -3.08 33.28 -14.05
N ARG A 280 -2.04 33.07 -14.86
CA ARG A 280 -2.16 33.13 -16.30
C ARG A 280 -1.88 31.73 -16.80
N LEU A 281 -2.63 31.33 -17.81
CA LEU A 281 -2.65 29.95 -18.26
C LEU A 281 -2.11 29.79 -19.68
N GLU A 282 -1.29 28.76 -19.87
CA GLU A 282 -1.01 28.23 -21.21
C GLU A 282 -1.87 26.98 -21.34
N PRO A 283 -3.02 27.09 -22.02
CA PRO A 283 -4.04 26.04 -21.95
C PRO A 283 -3.51 24.63 -22.28
N ASP A 284 -2.58 24.51 -23.20
CA ASP A 284 -2.06 23.20 -23.56
C ASP A 284 -1.47 22.50 -22.34
N SER A 285 -1.02 23.29 -21.37
CA SER A 285 -0.52 22.78 -20.09
C SER A 285 -1.48 21.79 -19.43
N ILE A 286 -2.77 22.11 -19.46
CA ILE A 286 -3.82 21.27 -18.90
C ILE A 286 -3.93 19.93 -19.62
N LEU A 287 -3.85 19.97 -20.95
CA LEU A 287 -3.93 18.77 -21.76
C LEU A 287 -2.73 17.86 -21.55
N ARG A 288 -1.56 18.46 -21.30
CA ARG A 288 -0.35 17.70 -21.04
C ARG A 288 -0.49 16.93 -19.73
N VAL A 289 -0.99 17.65 -18.72
CA VAL A 289 -1.25 17.07 -17.41
C VAL A 289 -2.27 15.94 -17.58
N LEU A 290 -3.40 16.22 -18.25
CA LEU A 290 -4.42 15.21 -18.48
C LEU A 290 -3.89 13.98 -19.21
N ALA A 291 -3.10 14.22 -20.27
CA ALA A 291 -2.50 13.14 -21.06
C ALA A 291 -1.64 12.22 -20.18
N MET A 292 -0.82 12.81 -19.32
CA MET A 292 0.02 12.02 -18.42
C MET A 292 -0.82 11.22 -17.43
N HIS A 293 -1.89 11.83 -16.91
CA HIS A 293 -2.83 11.12 -16.05
C HIS A 293 -3.50 9.91 -16.74
N ARG A 294 -3.89 10.09 -18.00
CA ARG A 294 -4.55 9.02 -18.75
C ARG A 294 -3.62 7.88 -19.14
N PHE A 295 -2.39 8.20 -19.55
CA PHE A 295 -1.42 7.18 -19.95
C PHE A 295 -0.62 6.58 -18.78
N ALA A 296 -0.91 7.06 -17.57
CA ALA A 296 -0.21 6.61 -16.35
C ALA A 296 -0.21 5.09 -16.18
N LYS A 297 0.91 4.54 -15.74
CA LYS A 297 1.05 3.12 -15.43
C LYS A 297 0.05 2.66 -14.38
N ALA A 298 -0.06 3.46 -13.31
CA ALA A 298 -0.98 3.25 -12.21
C ALA A 298 -1.49 4.64 -11.79
N PRO A 299 -2.64 4.71 -11.09
CA PRO A 299 -3.18 6.01 -10.69
C PRO A 299 -2.18 6.82 -9.89
N MET A 300 -2.12 8.11 -10.15
CA MET A 300 -1.09 9.00 -9.58
C MET A 300 -1.57 10.44 -9.63
N LEU A 301 -0.91 11.31 -8.87
CA LEU A 301 -1.16 12.74 -8.94
C LEU A 301 -0.24 13.37 -9.99
N VAL A 302 -0.81 14.16 -10.89
CA VAL A 302 -0.01 14.85 -11.91
C VAL A 302 -0.06 16.36 -11.70
N GLY A 303 1.09 16.95 -11.42
CA GLY A 303 1.18 18.39 -11.17
C GLY A 303 1.87 19.19 -12.25
N GLY A 304 1.45 20.44 -12.39
CA GLY A 304 2.09 21.39 -13.29
C GLY A 304 3.10 22.22 -12.53
N GLN A 305 4.02 22.81 -13.27
CA GLN A 305 5.03 23.68 -12.70
C GLN A 305 4.54 25.12 -12.69
N MET A 306 5.27 25.97 -11.99
CA MET A 306 4.91 27.37 -11.88
C MET A 306 6.00 28.23 -12.53
N LEU A 307 5.59 29.01 -13.53
CA LEU A 307 6.45 30.07 -14.07
C LEU A 307 6.14 31.33 -13.27
N ASN A 308 7.14 32.20 -13.12
CA ASN A 308 7.02 33.38 -12.27
C ASN A 308 6.22 34.46 -12.94
N LEU A 309 5.00 34.70 -12.45
CA LEU A 309 4.10 35.70 -13.06
C LEU A 309 4.75 37.09 -13.17
N GLN A 310 5.70 37.40 -12.28
CA GLN A 310 6.37 38.70 -12.30
C GLN A 310 7.71 38.74 -13.10
N GLU A 311 8.24 37.56 -13.43
CA GLU A 311 9.43 37.40 -14.28
C GLU A 311 9.16 36.23 -15.24
N PRO A 312 8.32 36.48 -16.27
CA PRO A 312 7.60 35.39 -16.94
C PRO A 312 8.42 34.34 -17.69
N SER A 313 9.71 34.59 -17.89
CA SER A 313 10.57 33.60 -18.52
C SER A 313 11.28 32.69 -17.50
N HIS A 314 10.97 32.90 -16.22
CA HIS A 314 11.63 32.18 -15.12
C HIS A 314 10.76 31.03 -14.62
N LEU A 315 11.38 29.85 -14.50
CA LEU A 315 10.74 28.71 -13.85
C LEU A 315 11.01 28.80 -12.37
N HIS A 316 9.97 28.65 -11.55
CA HIS A 316 10.13 28.65 -10.09
C HIS A 316 11.01 27.50 -9.58
N ILE A 317 10.60 26.26 -9.88
CA ILE A 317 11.33 25.10 -9.42
C ILE A 317 10.91 23.88 -10.24
N MET A 318 11.84 22.97 -10.53
CA MET A 318 11.50 21.74 -11.23
C MET A 318 10.63 20.81 -10.38
N GLY A 319 10.82 20.86 -9.07
CA GLY A 319 10.04 20.04 -8.14
C GLY A 319 10.53 20.15 -6.71
N GLU A 320 9.69 19.74 -5.77
CA GLU A 320 9.97 19.91 -4.35
C GLU A 320 9.79 18.60 -3.60
N VAL A 321 10.52 18.46 -2.49
CA VAL A 321 10.41 17.30 -1.63
C VAL A 321 10.24 17.76 -0.18
N VAL A 322 10.05 16.79 0.71
CA VAL A 322 10.15 17.04 2.14
C VAL A 322 11.42 16.35 2.61
N ASP A 323 12.40 17.17 3.01
CA ASP A 323 13.64 16.69 3.61
C ASP A 323 13.34 16.06 4.98
N ARG A 324 13.60 14.76 5.10
CA ARG A 324 13.25 14.01 6.31
C ARG A 324 14.14 14.21 7.52
N SER A 325 15.31 14.82 7.32
CA SER A 325 16.27 15.02 8.41
C SER A 325 15.76 16.02 9.45
N ILE A 326 15.00 17.02 9.00
CA ILE A 326 14.44 18.07 9.88
C ILE A 326 12.95 18.32 9.57
N PHE A 327 12.40 17.48 8.69
CA PHE A 327 11.03 17.59 8.17
C PHE A 327 10.67 19.00 7.70
N MET A 328 11.26 19.38 6.57
CA MET A 328 11.10 20.70 6.02
C MET A 328 11.05 20.57 4.51
N TRP A 329 10.10 21.25 3.87
CA TRP A 329 10.02 21.26 2.41
C TRP A 329 11.19 22.03 1.82
N THR A 330 11.72 21.52 0.71
CA THR A 330 12.85 22.14 0.02
C THR A 330 12.76 21.83 -1.49
N ALA A 331 13.71 22.37 -2.23
CA ALA A 331 13.96 21.98 -3.60
C ALA A 331 14.36 20.50 -3.59
N ALA A 332 13.83 19.74 -4.56
CA ALA A 332 14.31 18.38 -4.81
C ALA A 332 15.84 18.40 -4.96
N PRO A 333 16.51 17.28 -4.64
CA PRO A 333 17.97 17.19 -4.60
C PRO A 333 18.75 17.92 -5.72
N HIS A 334 18.37 17.78 -6.99
CA HIS A 334 19.18 18.45 -8.04
C HIS A 334 18.44 19.59 -8.74
N ALA A 335 17.65 20.33 -7.96
CA ALA A 335 16.85 21.39 -8.52
C ALA A 335 17.18 22.69 -7.80
N GLU A 336 17.18 23.78 -8.55
CA GLU A 336 17.45 25.11 -7.99
C GLU A 336 16.37 26.11 -8.41
N TYR A 337 15.97 26.94 -7.47
CA TYR A 337 14.92 27.93 -7.67
C TYR A 337 15.30 28.97 -8.72
N ASP A 338 14.30 29.40 -9.47
CA ASP A 338 14.40 30.60 -10.30
C ASP A 338 15.32 30.40 -11.51
N HIS A 339 14.91 29.54 -12.43
CA HIS A 339 15.67 29.31 -13.63
C HIS A 339 15.15 30.15 -14.79
N ASP A 340 15.95 31.14 -15.21
CA ASP A 340 15.57 32.01 -16.30
C ASP A 340 15.95 31.39 -17.65
N PHE A 341 14.96 30.96 -18.42
CA PHE A 341 15.22 30.35 -19.72
C PHE A 341 15.78 31.29 -20.77
N ALA A 342 15.56 32.59 -20.60
CA ALA A 342 16.10 33.60 -21.51
C ALA A 342 17.60 33.78 -21.30
N GLU A 343 18.07 33.60 -20.07
CA GLU A 343 19.51 33.65 -19.81
C GLU A 343 20.16 32.26 -19.91
N TYR A 344 19.43 31.23 -19.51
CA TYR A 344 19.97 29.88 -19.46
C TYR A 344 19.11 28.91 -20.26
N PRO A 345 19.33 28.83 -21.58
CA PRO A 345 18.55 27.93 -22.44
C PRO A 345 18.62 26.48 -21.98
N LEU A 346 17.57 25.72 -22.25
CA LEU A 346 17.55 24.31 -21.94
C LEU A 346 18.78 23.57 -22.51
N ASN A 347 19.11 23.86 -23.76
CA ASN A 347 20.23 23.24 -24.43
C ASN A 347 21.46 24.14 -24.40
N ASP A 348 22.08 24.22 -23.24
CA ASP A 348 23.25 25.07 -23.04
C ASP A 348 24.21 24.44 -22.04
N ASN A 349 25.50 24.70 -22.23
CA ASN A 349 26.57 24.05 -21.46
C ASN A 349 26.59 24.36 -19.95
N ASN A 350 26.12 25.54 -19.57
CA ASN A 350 26.15 26.00 -18.18
C ASN A 350 25.53 25.02 -17.17
N SER A 351 25.98 25.12 -15.91
CA SER A 351 25.61 24.18 -14.87
C SER A 351 24.12 24.19 -14.47
N ARG A 352 23.48 25.36 -14.53
CA ARG A 352 22.06 25.47 -14.19
C ARG A 352 21.18 24.74 -15.20
N SER A 353 21.56 24.84 -16.47
CA SER A 353 20.80 24.22 -17.55
C SER A 353 20.94 22.70 -17.59
N LYS A 354 22.12 22.20 -17.27
CA LYS A 354 22.36 20.74 -17.22
C LYS A 354 21.51 20.02 -16.16
N LEU A 355 21.29 20.66 -15.02
CA LEU A 355 20.38 20.13 -13.98
C LEU A 355 18.97 19.80 -14.51
N LEU A 356 18.53 20.55 -15.53
CA LEU A 356 17.19 20.38 -16.09
C LEU A 356 17.02 19.07 -16.86
N HIS A 357 18.12 18.34 -17.06
CA HIS A 357 18.05 17.13 -17.85
C HIS A 357 17.94 15.86 -16.99
N ARG A 358 18.02 16.03 -15.67
CA ARG A 358 17.76 14.95 -14.74
C ARG A 358 16.25 14.85 -14.52
N ARG A 359 15.74 13.63 -14.38
CA ARG A 359 14.36 13.43 -13.96
C ARG A 359 14.28 13.74 -12.47
N ILE A 360 13.51 14.77 -12.15
CA ILE A 360 13.38 15.23 -10.78
C ILE A 360 12.13 14.64 -10.13
N ASP A 361 12.34 13.74 -9.17
CA ASP A 361 11.24 13.13 -8.41
C ASP A 361 10.81 14.02 -7.25
N VAL A 362 9.51 14.07 -7.01
CA VAL A 362 8.92 14.97 -6.02
C VAL A 362 8.11 14.21 -4.95
N ASP A 363 7.95 14.80 -3.77
CA ASP A 363 7.08 14.26 -2.74
C ASP A 363 5.66 14.80 -2.89
N TYR A 364 5.52 15.94 -3.56
CA TYR A 364 4.23 16.63 -3.69
C TYR A 364 4.31 17.72 -4.76
N ASN A 365 3.15 18.16 -5.23
CA ASN A 365 3.03 19.35 -6.07
C ASN A 365 2.11 20.39 -5.44
N GLY A 366 2.36 21.67 -5.73
CA GLY A 366 1.52 22.75 -5.21
C GLY A 366 0.16 22.78 -5.88
N TRP A 367 -0.78 23.49 -5.28
CA TRP A 367 -2.16 23.44 -5.75
C TRP A 367 -2.56 24.51 -6.78
N TRP A 368 -1.55 25.13 -7.40
CA TRP A 368 -1.77 26.02 -8.56
C TRP A 368 -2.14 25.19 -9.77
N THR A 369 -1.64 23.97 -9.82
CA THR A 369 -2.04 22.99 -10.82
C THR A 369 -1.68 21.61 -10.31
N CYS A 370 -2.71 20.84 -9.98
CA CYS A 370 -2.52 19.51 -9.44
C CYS A 370 -3.74 18.67 -9.77
N MET A 371 -3.52 17.64 -10.60
CA MET A 371 -4.59 16.73 -10.98
C MET A 371 -4.64 15.50 -10.10
N ILE A 372 -5.83 15.23 -9.56
CA ILE A 372 -6.06 14.12 -8.64
C ILE A 372 -7.15 13.22 -9.23
N PRO A 373 -6.87 11.91 -9.38
CA PRO A 373 -7.88 10.98 -9.90
C PRO A 373 -9.02 10.86 -8.91
N ARG A 374 -10.24 10.75 -9.45
CA ARG A 374 -11.46 10.68 -8.63
C ARG A 374 -11.36 9.63 -7.52
N GLN A 375 -10.99 8.40 -7.89
CA GLN A 375 -10.89 7.28 -6.94
C GLN A 375 -9.92 7.60 -5.80
N VAL A 376 -8.83 8.28 -6.15
CA VAL A 376 -7.76 8.61 -5.20
C VAL A 376 -8.27 9.59 -4.14
N ALA A 377 -8.96 10.62 -4.60
CA ALA A 377 -9.62 11.58 -3.70
C ALA A 377 -10.55 10.87 -2.73
N GLU A 378 -11.33 9.92 -3.26
CA GLU A 378 -12.27 9.12 -2.47
C GLU A 378 -11.58 8.33 -1.36
N GLU A 379 -10.47 7.69 -1.69
CA GLU A 379 -9.76 6.83 -0.76
C GLU A 379 -8.96 7.59 0.30
N LEU A 380 -8.34 8.69 -0.11
CA LEU A 380 -7.47 9.47 0.78
C LEU A 380 -8.23 10.39 1.72
N GLY A 381 -9.39 10.87 1.26
CA GLY A 381 -10.15 11.86 2.01
C GLY A 381 -9.77 13.29 1.65
N GLN A 382 -10.26 14.23 2.44
CA GLN A 382 -10.08 15.65 2.21
C GLN A 382 -8.71 16.12 2.65
N PRO A 383 -8.31 17.33 2.21
CA PRO A 383 -7.18 18.06 2.80
C PRO A 383 -7.30 18.16 4.33
N LEU A 384 -6.16 18.24 5.00
CA LEU A 384 -6.14 18.52 6.41
C LEU A 384 -6.61 19.95 6.60
N PRO A 385 -7.34 20.22 7.71
CA PRO A 385 -7.85 21.57 7.97
C PRO A 385 -6.76 22.50 8.53
N LEU A 386 -5.69 22.66 7.76
CA LEU A 386 -4.67 23.66 8.02
C LEU A 386 -5.17 24.86 7.27
N PHE A 387 -4.77 26.07 7.66
CA PHE A 387 -5.37 27.22 7.00
C PHE A 387 -4.67 27.48 5.66
N ILE A 388 -3.36 27.72 5.75
CA ILE A 388 -2.49 27.83 4.60
C ILE A 388 -1.24 27.05 4.93
N LYS A 389 -0.53 26.58 3.90
CA LYS A 389 0.79 25.94 4.05
C LYS A 389 0.70 24.48 4.51
N TRP A 390 1.52 23.64 3.88
CA TRP A 390 1.69 22.23 4.22
C TRP A 390 0.52 21.31 3.85
N ASP A 391 -0.62 21.89 3.49
CA ASP A 391 -1.76 21.08 3.07
C ASP A 391 -1.46 20.31 1.76
N ASP A 392 -0.75 20.95 0.83
CA ASP A 392 -0.38 20.25 -0.39
C ASP A 392 0.68 19.17 -0.14
N ALA A 393 1.63 19.47 0.72
CA ALA A 393 2.70 18.53 1.05
C ALA A 393 2.12 17.30 1.74
N ASP A 394 1.20 17.52 2.68
CA ASP A 394 0.52 16.44 3.38
C ASP A 394 -0.23 15.54 2.40
N TYR A 395 -0.91 16.15 1.45
CA TYR A 395 -1.71 15.37 0.53
C TYR A 395 -0.86 14.51 -0.40
N GLY A 396 0.33 15.01 -0.73
CA GLY A 396 1.32 14.23 -1.44
C GLY A 396 1.91 13.09 -0.62
N LEU A 397 2.28 13.36 0.63
CA LEU A 397 2.81 12.32 1.51
C LEU A 397 1.76 11.23 1.75
N ARG A 398 0.54 11.65 2.05
CA ARG A 398 -0.58 10.73 2.26
C ARG A 398 -0.81 9.83 1.05
N ALA A 399 -0.90 10.44 -0.14
CA ALA A 399 -1.06 9.69 -1.39
C ALA A 399 0.03 8.63 -1.59
N ALA A 400 1.28 8.99 -1.30
CA ALA A 400 2.42 8.07 -1.46
C ALA A 400 2.32 6.86 -0.54
N GLU A 401 1.83 7.09 0.68
CA GLU A 401 1.63 6.01 1.65
C GLU A 401 0.54 5.03 1.20
N HIS A 402 -0.30 5.47 0.27
CA HIS A 402 -1.31 4.62 -0.32
C HIS A 402 -0.88 4.10 -1.69
N GLY A 403 0.38 4.32 -2.05
CA GLY A 403 0.93 3.84 -3.32
C GLY A 403 0.55 4.68 -4.53
N TYR A 404 0.15 5.93 -4.28
CA TYR A 404 -0.15 6.89 -5.35
C TYR A 404 0.93 7.98 -5.39
N PRO A 405 1.89 7.86 -6.31
CA PRO A 405 2.98 8.84 -6.39
C PRO A 405 2.53 10.18 -6.96
N THR A 406 3.38 11.19 -6.83
CA THR A 406 3.19 12.49 -7.47
C THR A 406 4.28 12.72 -8.53
N VAL A 407 3.89 13.30 -9.66
CA VAL A 407 4.85 13.77 -10.66
C VAL A 407 4.62 15.25 -10.93
N THR A 408 5.70 16.03 -10.91
CA THR A 408 5.66 17.40 -11.40
C THR A 408 6.16 17.35 -12.84
N LEU A 409 5.29 17.73 -13.77
CA LEU A 409 5.56 17.58 -15.20
C LEU A 409 6.20 18.82 -15.78
N PRO A 410 7.48 18.73 -16.24
CA PRO A 410 8.09 19.88 -16.91
C PRO A 410 7.42 20.18 -18.26
N GLY A 411 7.36 21.45 -18.62
CA GLY A 411 6.67 21.88 -19.85
C GLY A 411 5.16 22.06 -19.69
N ALA A 412 4.63 21.65 -18.54
CA ALA A 412 3.23 21.93 -18.21
C ALA A 412 3.22 22.96 -17.09
N ALA A 413 2.89 24.20 -17.44
CA ALA A 413 2.98 25.27 -16.46
C ALA A 413 1.88 26.31 -16.55
N ILE A 414 1.67 27.00 -15.44
CA ILE A 414 0.88 28.20 -15.38
C ILE A 414 1.79 29.33 -14.88
N TRP A 415 1.36 30.57 -15.06
CA TRP A 415 2.07 31.67 -14.45
C TRP A 415 1.40 32.01 -13.13
N HIS A 416 2.19 32.10 -12.07
CA HIS A 416 1.69 32.43 -10.74
C HIS A 416 2.73 33.25 -10.02
N MET A 417 2.30 34.09 -9.08
CA MET A 417 3.19 34.84 -8.22
C MET A 417 4.10 33.88 -7.45
N ALA A 418 5.41 34.08 -7.57
CA ALA A 418 6.37 33.34 -6.77
C ALA A 418 6.65 34.19 -5.53
N TRP A 419 7.43 33.67 -4.59
CA TRP A 419 7.88 34.52 -3.48
C TRP A 419 8.94 35.51 -3.99
N SER A 420 8.83 35.83 -5.28
CA SER A 420 9.68 36.81 -5.95
C SER A 420 9.56 38.17 -5.28
N ASP A 421 10.47 38.41 -4.32
CA ASP A 421 10.63 39.69 -3.63
C ASP A 421 9.55 40.00 -2.58
N LYS A 422 8.29 39.85 -2.97
CA LYS A 422 7.14 40.43 -2.24
C LYS A 422 6.75 39.75 -0.91
N ASP A 423 7.39 38.63 -0.58
CA ASP A 423 7.03 37.86 0.61
C ASP A 423 8.14 37.75 1.67
N ASP A 424 7.73 37.74 2.95
CA ASP A 424 8.62 37.49 4.08
C ASP A 424 8.01 36.61 5.18
N ALA A 425 8.68 35.49 5.48
CA ALA A 425 8.23 34.47 6.44
C ALA A 425 8.29 34.92 7.91
N ILE A 426 8.06 36.21 8.14
CA ILE A 426 8.18 36.79 9.47
C ILE A 426 6.83 37.34 9.96
N ASP A 427 5.87 37.46 9.06
CA ASP A 427 4.55 37.97 9.43
C ASP A 427 3.64 36.85 9.97
N TRP A 428 2.34 37.05 9.86
CA TRP A 428 1.35 36.11 10.39
C TRP A 428 1.47 34.70 9.80
N GLN A 429 2.06 34.61 8.61
CA GLN A 429 2.24 33.31 7.97
C GLN A 429 3.21 32.40 8.71
N ALA A 430 4.08 33.00 9.54
CA ALA A 430 5.10 32.24 10.26
C ALA A 430 4.45 31.29 11.26
N TYR A 431 3.36 31.75 11.88
CA TYR A 431 2.54 30.92 12.76
C TYR A 431 2.10 29.64 12.06
N PHE A 432 1.57 29.78 10.85
CA PHE A 432 1.05 28.65 10.10
C PHE A 432 2.16 27.78 9.56
N HIS A 433 3.28 28.40 9.19
CA HIS A 433 4.43 27.63 8.71
C HIS A 433 4.88 26.64 9.77
N LEU A 434 5.02 27.11 11.00
CA LEU A 434 5.52 26.26 12.07
C LEU A 434 4.49 25.24 12.56
N ARG A 435 3.27 25.70 12.80
CA ARG A 435 2.23 24.83 13.36
C ARG A 435 1.96 23.66 12.43
N ASN A 436 1.73 23.97 11.15
CA ASN A 436 1.39 22.96 10.15
C ASN A 436 2.53 22.01 9.84
N ARG A 437 3.76 22.54 9.84
CA ARG A 437 4.94 21.70 9.71
C ARG A 437 4.91 20.64 10.79
N LEU A 438 4.60 21.05 12.02
CA LEU A 438 4.53 20.13 13.14
C LEU A 438 3.41 19.10 12.98
N VAL A 439 2.24 19.54 12.51
CA VAL A 439 1.10 18.64 12.29
C VAL A 439 1.44 17.56 11.25
N VAL A 440 2.00 17.98 10.13
CA VAL A 440 2.34 17.07 9.03
C VAL A 440 3.52 16.18 9.44
N ALA A 441 4.43 16.73 10.24
CA ALA A 441 5.55 15.95 10.77
C ALA A 441 5.03 14.84 11.66
N ALA A 442 4.06 15.17 12.51
CA ALA A 442 3.47 14.18 13.41
C ALA A 442 2.72 13.12 12.61
N MET A 443 2.15 13.54 11.49
CA MET A 443 1.33 12.68 10.66
C MET A 443 2.14 11.67 9.83
N HIS A 444 3.39 12.00 9.52
CA HIS A 444 4.16 11.27 8.51
C HIS A 444 5.58 10.86 8.87
N TRP A 445 6.06 11.25 10.05
CA TRP A 445 7.47 11.01 10.44
C TRP A 445 8.09 9.68 10.00
N ASP A 446 7.60 8.57 10.59
CA ASP A 446 8.09 7.21 10.29
C ASP A 446 9.53 6.90 10.73
N GLY A 447 10.41 7.91 10.69
CA GLY A 447 11.82 7.75 11.03
C GLY A 447 12.15 7.41 12.48
N PRO A 448 13.45 7.35 12.84
CA PRO A 448 13.90 7.04 14.20
C PRO A 448 13.36 8.01 15.26
N LYS A 449 13.45 7.58 16.53
CA LYS A 449 12.91 8.33 17.65
C LYS A 449 13.63 9.66 17.87
N ALA A 450 14.97 9.59 17.96
CA ALA A 450 15.82 10.75 18.24
C ALA A 450 15.92 11.76 17.09
N GLN A 451 15.10 11.56 16.06
CA GLN A 451 15.16 12.36 14.84
C GLN A 451 14.58 13.78 14.97
N VAL A 452 13.87 14.03 16.07
CA VAL A 452 13.18 15.31 16.25
C VAL A 452 14.14 16.40 16.73
N ILE A 453 15.27 16.00 17.30
CA ILE A 453 16.33 16.92 17.70
C ILE A 453 16.71 17.81 16.52
N GLY A 454 16.80 17.21 15.34
CA GLY A 454 17.09 17.93 14.09
C GLY A 454 16.12 19.06 13.84
N LEU A 455 14.83 18.78 13.97
CA LEU A 455 13.78 19.77 13.75
C LEU A 455 13.81 20.90 14.80
N VAL A 456 14.05 20.53 16.06
CA VAL A 456 14.13 21.51 17.15
C VAL A 456 15.37 22.40 17.02
N ARG A 457 16.52 21.79 16.76
CA ARG A 457 17.75 22.53 16.46
C ARG A 457 17.50 23.55 15.33
N SER A 458 16.83 23.08 14.27
CA SER A 458 16.46 23.93 13.14
C SER A 458 15.68 25.15 13.63
N HIS A 459 14.73 24.91 14.53
CA HIS A 459 13.90 25.96 15.06
C HIS A 459 14.63 26.89 16.02
N LEU A 460 15.59 26.36 16.78
CA LEU A 460 16.38 27.18 17.69
C LEU A 460 17.21 28.21 16.91
N LYS A 461 17.96 27.73 15.92
CA LYS A 461 18.73 28.60 15.04
C LYS A 461 17.86 29.72 14.44
N ALA A 462 16.66 29.37 13.96
CA ALA A 462 15.72 30.37 13.43
C ALA A 462 15.23 31.33 14.51
N THR A 463 15.01 30.83 15.72
CA THR A 463 14.52 31.66 16.83
C THR A 463 15.54 32.73 17.20
N LEU A 464 16.78 32.31 17.38
CA LEU A 464 17.86 33.23 17.75
C LEU A 464 18.08 34.27 16.65
N LYS A 465 17.93 33.84 15.40
CA LYS A 465 18.00 34.75 14.26
C LYS A 465 16.87 35.80 14.31
N HIS A 466 15.64 35.39 14.59
CA HIS A 466 14.53 36.34 14.68
C HIS A 466 14.82 37.37 15.76
N LEU A 467 15.26 36.90 16.92
CA LEU A 467 15.57 37.79 18.03
C LEU A 467 16.72 38.75 17.71
N ALA A 468 17.76 38.23 17.04
CA ALA A 468 18.85 39.06 16.51
C ALA A 468 18.33 40.16 15.57
N CYS A 469 17.36 39.80 14.74
CA CYS A 469 16.76 40.75 13.80
C CYS A 469 15.65 41.63 14.40
N LEU A 470 15.38 41.43 15.68
CA LEU A 470 14.38 42.17 16.44
C LEU A 470 12.95 41.83 16.00
N GLU A 471 12.82 40.66 15.36
CA GLU A 471 11.54 40.17 14.87
C GLU A 471 10.81 39.44 16.01
N TYR A 472 10.43 40.20 17.02
CA TYR A 472 9.92 39.64 18.27
C TYR A 472 8.55 38.97 18.14
N SER A 473 7.63 39.63 17.42
CA SER A 473 6.28 39.10 17.21
C SER A 473 6.31 37.72 16.55
N THR A 474 7.23 37.54 15.61
CA THR A 474 7.44 36.26 14.95
C THR A 474 7.64 35.15 15.96
N VAL A 475 8.52 35.40 16.94
CA VAL A 475 8.81 34.41 17.96
C VAL A 475 7.56 34.13 18.80
N ALA A 476 6.87 35.18 19.21
CA ALA A 476 5.65 35.04 19.98
C ALA A 476 4.60 34.17 19.27
N ILE A 477 4.31 34.49 18.01
CA ILE A 477 3.32 33.69 17.26
C ILE A 477 3.80 32.25 16.99
N GLN A 478 5.10 32.07 16.80
CA GLN A 478 5.68 30.73 16.72
C GLN A 478 5.55 29.98 18.05
N ASN A 479 5.55 30.71 19.17
CA ASN A 479 5.26 30.11 20.47
C ASN A 479 3.81 29.64 20.58
N LYS A 480 2.90 30.42 20.01
CA LYS A 480 1.50 30.03 19.94
C LYS A 480 1.31 28.83 19.00
N ALA A 481 2.06 28.82 17.90
CA ALA A 481 2.02 27.72 16.93
C ALA A 481 2.32 26.39 17.61
N ILE A 482 3.39 26.36 18.41
CA ILE A 482 3.75 25.16 19.14
C ILE A 482 2.64 24.76 20.11
N ASP A 483 2.08 25.72 20.86
CA ASP A 483 0.97 25.46 21.78
C ASP A 483 -0.24 24.85 21.10
N ASP A 484 -0.59 25.37 19.94
CA ASP A 484 -1.77 24.92 19.20
C ASP A 484 -1.60 23.51 18.65
N PHE A 485 -0.42 23.23 18.11
CA PHE A 485 -0.06 21.87 17.69
C PHE A 485 -0.12 20.89 18.88
N LEU A 486 0.40 21.32 20.03
CA LEU A 486 0.44 20.47 21.22
C LEU A 486 -0.93 20.16 21.79
N ALA A 487 -1.86 21.11 21.65
CA ALA A 487 -3.24 20.95 22.13
C ALA A 487 -4.00 19.83 21.40
N GLY A 488 -3.49 19.43 20.24
CA GLY A 488 -4.01 18.27 19.55
C GLY A 488 -4.79 18.54 18.28
N PRO A 489 -5.17 17.47 17.56
CA PRO A 489 -5.84 17.58 16.27
C PRO A 489 -7.27 18.08 16.35
N GLU A 490 -7.92 17.92 17.50
CA GLU A 490 -9.27 18.45 17.66
C GLU A 490 -9.26 19.98 17.84
N HIS A 491 -8.31 20.49 18.60
CA HIS A 491 -8.11 21.93 18.73
C HIS A 491 -7.78 22.56 17.37
N ILE A 492 -6.89 21.92 16.61
CA ILE A 492 -6.52 22.38 15.27
C ILE A 492 -7.75 22.59 14.39
N PHE A 493 -8.59 21.57 14.27
CA PHE A 493 -9.79 21.69 13.48
C PHE A 493 -10.72 22.82 13.97
N SER A 494 -10.85 22.95 15.29
CA SER A 494 -11.77 23.95 15.86
C SER A 494 -11.33 25.40 15.59
N ILE A 495 -10.07 25.59 15.22
CA ILE A 495 -9.53 26.94 14.96
C ILE A 495 -9.23 27.17 13.48
N LEU A 496 -9.89 26.43 12.60
CA LEU A 496 -9.68 26.62 11.16
C LEU A 496 -9.84 28.10 10.79
N GLU A 497 -10.96 28.69 11.19
CA GLU A 497 -11.24 30.10 10.88
C GLU A 497 -10.68 31.07 11.91
N SER A 498 -10.86 30.76 13.19
CA SER A 498 -10.48 31.67 14.29
C SER A 498 -8.97 31.88 14.46
N ALA A 499 -8.15 30.99 13.90
CA ALA A 499 -6.70 31.08 14.08
C ALA A 499 -6.11 32.37 13.51
N LEU A 500 -6.48 32.73 12.28
CA LEU A 500 -5.99 33.95 11.64
C LEU A 500 -6.20 35.22 12.49
N PRO A 501 -7.46 35.56 12.87
CA PRO A 501 -7.69 36.75 13.71
C PRO A 501 -6.90 36.74 15.02
N GLN A 502 -6.73 35.56 15.59
CA GLN A 502 -6.01 35.42 16.85
C GLN A 502 -4.51 35.70 16.69
N VAL A 503 -3.95 35.34 15.54
CA VAL A 503 -2.56 35.71 15.21
C VAL A 503 -2.41 37.23 15.05
N HIS A 504 -3.33 37.87 14.31
CA HIS A 504 -3.31 39.34 14.17
C HIS A 504 -3.34 40.03 15.53
N ARG A 505 -4.22 39.55 16.42
CA ARG A 505 -4.38 40.09 17.76
C ARG A 505 -3.09 40.07 18.59
N ILE A 506 -2.33 38.98 18.46
CA ILE A 506 -1.04 38.90 19.16
C ILE A 506 -0.06 39.93 18.57
N ARG A 507 -0.01 40.01 17.24
CA ARG A 507 0.93 40.87 16.54
C ARG A 507 0.73 42.37 16.77
N LYS A 508 -0.51 42.79 17.04
CA LYS A 508 -0.85 44.20 17.25
C LYS A 508 -0.03 44.90 18.36
N SER A 509 0.42 44.13 19.33
CA SER A 509 1.12 44.69 20.50
C SER A 509 2.65 44.74 20.33
N TYR A 510 3.15 44.20 19.22
CA TYR A 510 4.58 44.27 18.89
C TYR A 510 4.84 45.37 17.87
N PRO A 511 5.74 46.32 18.21
CA PRO A 511 6.10 47.39 17.27
C PRO A 511 6.65 46.88 15.94
N ASP A 512 7.33 45.73 15.97
CA ASP A 512 7.92 45.13 14.76
C ASP A 512 6.89 44.58 13.76
N ALA A 513 5.61 44.63 14.13
CA ALA A 513 4.53 44.10 13.31
C ALA A 513 3.50 45.15 12.90
N VAL A 514 3.70 46.39 13.36
CA VAL A 514 2.79 47.48 12.98
C VAL A 514 3.38 48.19 11.77
N VAL A 515 2.73 48.03 10.62
CA VAL A 515 3.20 48.64 9.39
C VAL A 515 2.74 50.10 9.34
N LEU A 516 3.70 50.99 9.10
CA LEU A 516 3.44 52.40 8.88
C LEU A 516 3.73 52.69 7.40
N PRO A 517 3.03 53.67 6.79
CA PRO A 517 3.17 53.95 5.35
C PRO A 517 4.58 54.27 4.87
N ALA A 518 5.39 54.92 5.70
CA ALA A 518 6.73 55.35 5.29
C ALA A 518 7.62 55.66 6.48
N ALA A 519 8.93 55.55 6.29
CA ALA A 519 9.89 55.94 7.33
C ALA A 519 9.73 57.43 7.70
N SER A 520 9.29 58.22 6.72
CA SER A 520 9.07 59.65 6.89
C SER A 520 7.90 60.02 7.82
N GLU A 521 7.13 59.02 8.26
CA GLU A 521 6.05 59.22 9.24
C GLU A 521 6.64 59.30 10.65
N LEU A 522 7.85 58.75 10.80
CA LEU A 522 8.57 58.75 12.07
C LEU A 522 9.61 59.89 12.13
N PRO A 523 10.13 60.21 13.34
CA PRO A 523 11.24 61.16 13.44
C PRO A 523 12.44 60.68 12.60
N PRO A 524 13.15 61.62 11.95
CA PRO A 524 14.29 61.24 11.10
C PRO A 524 15.37 60.48 11.89
N PRO A 525 16.03 59.51 11.24
CA PRO A 525 16.97 58.64 11.94
C PRO A 525 18.13 59.42 12.54
N LEU A 526 18.71 58.90 13.61
CA LEU A 526 19.86 59.52 14.26
C LEU A 526 21.08 59.46 13.32
N HIS A 527 21.30 58.29 12.73
CA HIS A 527 22.45 58.07 11.87
C HIS A 527 22.03 57.86 10.42
N LYS A 528 22.86 58.35 9.50
CA LYS A 528 22.71 58.02 8.08
C LYS A 528 23.20 56.58 7.92
N ASN A 529 22.78 55.93 6.84
CA ASN A 529 23.22 54.56 6.61
C ASN A 529 24.63 54.47 6.05
N LYS A 530 25.31 53.38 6.38
CA LYS A 530 26.61 53.07 5.80
C LYS A 530 26.55 51.66 5.25
N ALA A 531 26.98 51.50 3.99
CA ALA A 531 27.01 50.20 3.34
C ALA A 531 27.86 49.23 4.15
N MET A 532 27.20 48.18 4.66
CA MET A 532 27.89 47.11 5.36
C MET A 532 27.96 45.89 4.45
N LYS A 533 29.19 45.43 4.19
CA LYS A 533 29.43 44.27 3.34
C LYS A 533 29.09 42.98 4.10
N PRO A 534 28.41 42.04 3.42
CA PRO A 534 28.04 40.77 4.03
C PRO A 534 29.28 39.93 4.36
N PRO A 535 29.40 39.47 5.63
CA PRO A 535 30.54 38.69 6.06
C PRO A 535 30.56 37.28 5.47
N VAL A 536 31.48 37.06 4.53
CA VAL A 536 31.77 35.72 4.03
C VAL A 536 33.05 35.22 4.71
N ASN A 537 33.89 36.19 5.10
CA ASN A 537 35.15 35.94 5.80
C ASN A 537 34.89 35.21 7.12
N PRO A 538 35.64 34.14 7.39
CA PRO A 538 35.36 33.26 8.53
C PRO A 538 35.53 33.96 9.89
N LEU A 539 36.63 34.70 10.05
CA LEU A 539 36.93 35.43 11.28
C LEU A 539 35.94 36.56 11.51
N VAL A 540 35.53 37.22 10.42
CA VAL A 540 34.64 38.38 10.48
C VAL A 540 33.22 38.02 10.95
N ILE A 541 32.69 36.90 10.48
CA ILE A 541 31.41 36.38 10.96
C ILE A 541 31.45 36.22 12.48
N GLY A 542 32.49 35.54 12.97
CA GLY A 542 32.71 35.36 14.40
C GLY A 542 32.69 36.69 15.15
N TYR A 543 33.45 37.65 14.63
CA TYR A 543 33.51 39.01 15.20
C TYR A 543 32.14 39.71 15.24
N ARG A 544 31.38 39.62 14.15
CA ARG A 544 30.03 40.20 14.09
C ARG A 544 29.06 39.51 15.05
N LEU A 545 29.18 38.19 15.13
CA LEU A 545 28.40 37.38 16.07
C LEU A 545 28.65 37.79 17.53
N ALA A 546 29.93 37.85 17.92
CA ALA A 546 30.30 38.27 19.27
C ALA A 546 29.82 39.68 19.60
N ARG A 547 29.98 40.59 18.63
CA ARG A 547 29.54 41.98 18.78
C ARG A 547 28.04 42.03 19.00
N GLY A 548 27.31 41.15 18.32
CA GLY A 548 25.87 40.99 18.51
C GLY A 548 25.46 40.47 19.87
N ILE A 549 26.18 39.46 20.38
CA ILE A 549 25.91 38.91 21.70
C ILE A 549 26.18 39.96 22.77
N MET A 550 27.35 40.59 22.67
CA MET A 550 27.76 41.68 23.58
C MET A 550 26.71 42.80 23.70
N HIS A 551 26.22 43.29 22.57
CA HIS A 551 25.21 44.35 22.56
C HIS A 551 23.89 43.88 23.18
N ASN A 552 23.51 42.62 22.92
CA ASN A 552 22.26 42.06 23.42
C ASN A 552 22.23 41.80 24.93
N LEU A 553 23.40 41.92 25.57
CA LEU A 553 23.50 41.78 27.02
C LEU A 553 23.38 43.13 27.74
N THR A 554 23.48 44.22 26.98
CA THR A 554 23.33 45.56 27.54
C THR A 554 21.85 45.94 27.64
N ALA A 555 21.54 46.86 28.55
CA ALA A 555 20.21 47.46 28.62
C ALA A 555 20.06 48.41 27.45
N ALA A 556 18.93 48.31 26.75
CA ALA A 556 18.66 49.17 25.60
C ALA A 556 18.34 50.59 26.06
N ASN A 557 18.70 51.57 25.22
CA ASN A 557 18.40 52.98 25.46
C ASN A 557 17.00 53.33 24.92
N PRO A 558 16.05 53.66 25.82
CA PRO A 558 14.67 54.01 25.46
C PRO A 558 14.51 55.13 24.43
N GLN A 559 15.46 56.06 24.37
CA GLN A 559 15.41 57.15 23.39
C GLN A 559 15.43 56.67 21.94
N HIS A 560 16.02 55.49 21.72
CA HIS A 560 16.07 54.90 20.38
C HIS A 560 14.75 54.23 20.00
N HIS A 561 13.81 54.17 20.95
CA HIS A 561 12.44 53.75 20.64
C HIS A 561 11.52 54.95 20.35
N ARG A 562 12.01 56.16 20.62
CA ARG A 562 11.28 57.38 20.29
C ARG A 562 11.73 57.83 18.90
N ARG A 563 13.05 57.85 18.71
CA ARG A 563 13.66 58.22 17.45
C ARG A 563 14.58 57.08 16.97
N PRO A 564 14.27 56.51 15.79
CA PRO A 564 15.03 55.37 15.28
C PRO A 564 16.50 55.72 15.03
N GLU A 565 17.40 54.77 15.26
CA GLU A 565 18.81 54.99 14.96
C GLU A 565 19.08 55.00 13.46
N PHE A 566 18.40 54.12 12.73
CA PHE A 566 18.57 53.99 11.28
C PHE A 566 17.23 53.81 10.59
N ASN A 567 17.17 54.17 9.32
CA ASN A 567 16.12 53.70 8.41
C ASN A 567 16.77 52.62 7.55
N VAL A 568 16.42 51.37 7.81
CA VAL A 568 17.07 50.25 7.13
C VAL A 568 16.20 49.71 6.00
N PRO A 569 16.72 49.75 4.75
CA PRO A 569 16.03 49.09 3.62
C PRO A 569 15.96 47.58 3.80
N THR A 570 14.93 46.95 3.21
CA THR A 570 14.75 45.50 3.30
C THR A 570 16.03 44.74 2.95
N GLN A 571 16.66 45.12 1.84
CA GLN A 571 17.84 44.41 1.33
C GLN A 571 19.04 44.47 2.29
N ASP A 572 19.07 45.48 3.16
CA ASP A 572 20.17 45.65 4.12
C ASP A 572 19.85 45.11 5.51
N ALA A 573 18.57 44.79 5.75
CA ALA A 573 18.08 44.35 7.07
C ALA A 573 18.54 42.94 7.45
N ARG A 574 19.84 42.78 7.69
CA ARG A 574 20.36 41.47 8.03
C ARG A 574 20.88 41.42 9.47
N TRP A 575 20.96 40.22 10.03
CA TRP A 575 21.32 40.01 11.43
C TRP A 575 22.59 40.75 11.87
N PHE A 576 23.64 40.70 11.05
CA PHE A 576 24.91 41.34 11.37
C PHE A 576 24.81 42.87 11.50
N LEU A 577 23.88 43.48 10.77
CA LEU A 577 23.63 44.91 10.90
C LEU A 577 22.66 45.21 12.03
N LEU A 578 21.64 44.37 12.16
CA LEU A 578 20.53 44.63 13.09
C LEU A 578 20.82 44.29 14.56
N CYS A 579 21.82 43.45 14.80
CA CYS A 579 22.11 42.97 16.15
C CYS A 579 22.97 43.94 16.97
N THR A 580 23.07 45.19 16.51
CA THR A 580 23.90 46.19 17.19
C THR A 580 23.11 47.47 17.44
N VAL A 581 21.87 47.50 16.97
CA VAL A 581 20.99 48.65 17.17
C VAL A 581 20.06 48.41 18.35
N ASP A 582 19.50 49.51 18.88
CA ASP A 582 18.45 49.46 19.89
C ASP A 582 17.09 49.73 19.27
N GLY A 583 17.09 50.48 18.16
CA GLY A 583 15.86 50.85 17.48
C GLY A 583 16.08 51.31 16.05
N ALA A 584 15.26 50.81 15.14
CA ALA A 584 15.41 51.09 13.71
C ALA A 584 14.12 50.77 12.95
N THR A 585 13.83 51.56 11.92
CA THR A 585 12.78 51.18 10.97
C THR A 585 13.35 50.19 9.98
N VAL A 586 12.55 49.17 9.67
CA VAL A 586 12.86 48.22 8.62
C VAL A 586 11.69 48.17 7.65
N THR A 587 12.01 48.33 6.38
CA THR A 587 11.04 48.32 5.30
C THR A 587 10.54 46.90 5.08
N THR A 588 9.23 46.77 4.87
CA THR A 588 8.62 45.49 4.57
C THR A 588 9.09 44.96 3.21
N ALA A 589 9.13 43.64 3.09
CA ALA A 589 9.58 42.97 1.86
C ALA A 589 8.91 43.48 0.58
N ASP A 590 7.63 43.85 0.66
CA ASP A 590 6.90 44.30 -0.53
C ASP A 590 7.17 45.76 -0.87
N GLY A 591 7.93 46.45 -0.01
CA GLY A 591 8.29 47.85 -0.22
C GLY A 591 7.17 48.84 0.03
N CYS A 592 6.09 48.37 0.66
CA CYS A 592 4.88 49.17 0.81
C CYS A 592 4.85 49.97 2.10
N GLY A 593 5.72 49.60 3.04
CA GLY A 593 5.76 50.31 4.30
C GLY A 593 7.00 49.98 5.10
N VAL A 594 6.98 50.40 6.36
CA VAL A 594 8.04 50.16 7.32
C VAL A 594 7.46 49.74 8.68
N VAL A 595 8.29 49.06 9.47
CA VAL A 595 7.99 48.77 10.86
C VAL A 595 9.13 49.31 11.74
N TYR A 596 8.77 49.83 12.91
CA TYR A 596 9.74 50.29 13.89
C TYR A 596 10.16 49.12 14.77
N ARG A 597 11.30 48.51 14.44
CA ARG A 597 11.83 47.42 15.26
C ARG A 597 12.57 47.98 16.47
N GLN A 598 12.35 47.37 17.64
CA GLN A 598 12.87 47.88 18.90
C GLN A 598 13.43 46.77 19.79
N ARG A 599 14.68 46.94 20.22
CA ARG A 599 15.30 45.97 21.13
C ARG A 599 14.89 46.24 22.56
N ASP A 600 14.52 45.16 23.26
CA ASP A 600 14.31 45.22 24.70
C ASP A 600 14.85 43.94 25.30
N ARG A 601 15.89 44.08 26.13
CA ARG A 601 16.60 42.92 26.67
C ARG A 601 15.71 42.02 27.51
N ALA A 602 14.85 42.62 28.33
CA ALA A 602 13.89 41.88 29.15
C ALA A 602 12.89 41.07 28.32
N LYS A 603 12.31 41.69 27.29
CA LYS A 603 11.35 41.03 26.39
C LYS A 603 11.99 39.93 25.57
N MET A 604 13.20 40.20 25.07
CA MET A 604 13.95 39.24 24.26
C MET A 604 14.19 37.97 25.08
N PHE A 605 14.80 38.13 26.25
CA PHE A 605 15.09 37.02 27.14
C PHE A 605 13.84 36.23 27.51
N ALA A 606 12.73 36.95 27.76
CA ALA A 606 11.46 36.32 28.10
C ALA A 606 10.91 35.50 26.94
N LEU A 607 10.97 36.04 25.73
CA LEU A 607 10.51 35.33 24.55
C LEU A 607 11.39 34.11 24.29
N LEU A 608 12.70 34.27 24.50
CA LEU A 608 13.65 33.19 24.26
C LEU A 608 13.41 32.05 25.23
N TRP A 609 13.20 32.39 26.49
CA TRP A 609 12.91 31.41 27.53
C TRP A 609 11.59 30.69 27.25
N GLN A 610 10.56 31.44 26.83
CA GLN A 610 9.28 30.82 26.43
C GLN A 610 9.43 29.88 25.24
N SER A 611 10.30 30.24 24.30
CA SER A 611 10.60 29.40 23.13
C SER A 611 11.33 28.12 23.54
N LEU A 612 12.34 28.25 24.38
CA LEU A 612 13.12 27.10 24.83
C LEU A 612 12.25 26.14 25.62
N ARG A 613 11.40 26.70 26.46
CA ARG A 613 10.41 25.94 27.22
C ARG A 613 9.57 25.08 26.27
N ARG A 614 9.18 25.67 25.15
CA ARG A 614 8.36 24.95 24.17
C ARG A 614 9.15 23.93 23.37
N GLN A 615 10.40 24.27 23.03
CA GLN A 615 11.27 23.36 22.31
C GLN A 615 11.45 22.05 23.09
N ARG A 616 11.64 22.16 24.41
CA ARG A 616 11.81 20.97 25.27
C ARG A 616 10.52 20.16 25.39
N GLN A 617 9.37 20.85 25.31
CA GLN A 617 8.07 20.18 25.28
C GLN A 617 7.91 19.34 24.02
N LEU A 618 8.29 19.91 22.88
CA LEU A 618 8.19 19.24 21.59
C LEU A 618 8.91 17.90 21.55
N LEU A 619 10.15 17.88 22.03
CA LEU A 619 10.94 16.64 21.99
C LEU A 619 10.55 15.63 23.09
N LYS A 620 9.80 16.11 24.08
CA LYS A 620 9.24 15.24 25.12
C LYS A 620 7.91 14.63 24.68
N ARG A 621 7.10 15.43 23.97
CA ARG A 621 5.74 15.03 23.62
C ARG A 621 5.51 14.62 22.17
N PHE A 622 6.56 14.57 21.36
CA PHE A 622 6.40 14.32 19.92
C PHE A 622 5.86 12.93 19.59
N GLU A 623 6.33 11.91 20.31
CA GLU A 623 5.83 10.54 20.10
C GLU A 623 4.35 10.42 20.36
N GLU A 624 3.90 11.01 21.46
CA GLU A 624 2.47 11.09 21.78
C GLU A 624 1.71 11.77 20.64
N MET A 625 2.25 12.89 20.16
CA MET A 625 1.63 13.66 19.10
C MET A 625 1.38 12.84 17.83
N ARG A 626 2.36 12.03 17.45
CA ARG A 626 2.22 11.16 16.29
C ARG A 626 1.00 10.25 16.41
N ARG A 627 0.89 9.59 17.56
CA ARG A 627 -0.24 8.70 17.84
C ARG A 627 -1.58 9.41 17.70
N ILE A 628 -1.77 10.50 18.44
CA ILE A 628 -3.05 11.22 18.46
C ILE A 628 -3.38 11.82 17.09
N TYR A 629 -2.36 12.28 16.37
CA TYR A 629 -2.57 12.87 15.05
C TYR A 629 -2.88 11.83 13.98
N ARG A 630 -2.16 10.70 14.00
CA ARG A 630 -2.46 9.60 13.08
C ARG A 630 -3.84 8.99 13.37
N ASP A 631 -4.19 8.86 14.66
CA ASP A 631 -5.51 8.36 15.07
C ASP A 631 -6.67 9.28 14.66
N ALA A 632 -6.36 10.55 14.43
CA ALA A 632 -7.38 11.54 14.07
C ALA A 632 -7.56 11.73 12.56
N LEU A 633 -6.71 11.10 11.76
CA LEU A 633 -6.74 11.28 10.31
C LEU A 633 -8.08 10.91 9.65
N PRO A 634 -8.66 9.73 10.00
CA PRO A 634 -10.02 9.46 9.49
C PRO A 634 -10.98 10.64 9.72
N THR A 635 -10.96 11.21 10.93
CA THR A 635 -11.80 12.35 11.29
C THR A 635 -11.41 13.62 10.52
N LEU A 636 -10.14 14.00 10.60
CA LEU A 636 -9.68 15.23 9.97
C LEU A 636 -9.89 15.23 8.44
N SER A 637 -9.97 14.04 7.84
CA SER A 637 -10.09 13.93 6.37
C SER A 637 -11.46 13.48 5.86
N SER A 638 -12.41 13.25 6.77
CA SER A 638 -13.75 12.82 6.38
C SER A 638 -14.59 13.97 5.87
N LYS A 639 -15.33 13.71 4.80
CA LYS A 639 -16.27 14.67 4.20
C LYS A 639 -17.34 15.11 5.21
N GLN A 640 -17.79 14.20 6.07
CA GLN A 640 -18.81 14.51 7.08
C GLN A 640 -18.34 15.54 8.12
N LYS A 641 -17.15 15.33 8.65
CA LYS A 641 -16.55 16.28 9.60
C LYS A 641 -16.29 17.64 8.93
N TRP A 642 -15.87 17.61 7.67
CA TRP A 642 -15.67 18.84 6.90
C TRP A 642 -16.96 19.61 6.63
N GLU A 643 -18.09 18.91 6.62
CA GLU A 643 -19.39 19.55 6.45
C GLU A 643 -19.72 20.53 7.59
N THR A 644 -19.17 20.28 8.78
CA THR A 644 -19.36 21.16 9.95
C THR A 644 -18.68 22.53 9.78
N ALA A 645 -17.64 22.57 8.95
CA ALA A 645 -16.93 23.81 8.64
C ALA A 645 -17.40 24.42 7.31
N LEU A 646 -17.61 23.57 6.31
CA LEU A 646 -17.98 24.02 4.96
C LEU A 646 -19.40 24.58 4.84
N LEU A 647 -20.36 23.96 5.54
CA LEU A 647 -21.77 24.36 5.43
C LEU A 647 -22.26 25.10 6.69
N PRO A 648 -23.09 26.14 6.50
CA PRO A 648 -23.57 26.97 7.62
C PRO A 648 -24.63 26.28 8.50
N ALA A 649 -25.23 27.06 9.40
CA ALA A 649 -26.27 26.57 10.31
C ALA A 649 -27.37 25.76 9.63
N MET B 21 -22.82 1.70 -8.65
CA MET B 21 -22.52 0.35 -9.22
C MET B 21 -21.03 0.01 -9.16
N SER B 22 -20.20 0.91 -9.67
CA SER B 22 -18.73 0.78 -9.60
C SER B 22 -18.21 1.22 -8.24
N GLU B 23 -18.98 2.08 -7.56
CA GLU B 23 -18.71 2.45 -6.17
C GLU B 23 -19.04 1.27 -5.27
N LEU B 24 -20.13 0.58 -5.59
CA LEU B 24 -20.50 -0.65 -4.91
C LEU B 24 -19.46 -1.76 -5.12
N ALA B 25 -19.04 -1.94 -6.37
CA ALA B 25 -18.09 -3.01 -6.72
C ALA B 25 -16.72 -2.90 -6.01
N ALA B 26 -16.20 -1.67 -5.91
CA ALA B 26 -14.87 -1.41 -5.34
C ALA B 26 -14.79 -1.53 -3.81
N SER B 27 -15.94 -1.70 -3.16
CA SER B 27 -16.01 -1.78 -1.71
C SER B 27 -16.63 -3.09 -1.25
N LEU B 28 -16.86 -4.01 -2.19
CA LEU B 28 -17.36 -5.34 -1.90
C LEU B 28 -16.32 -6.21 -1.18
N LEU B 29 -16.65 -6.63 0.03
CA LEU B 29 -15.76 -7.48 0.82
C LEU B 29 -16.11 -8.95 0.65
N SER B 30 -17.39 -9.26 0.72
CA SER B 30 -17.83 -10.63 0.85
C SER B 30 -19.24 -10.78 0.29
N ARG B 31 -19.38 -11.55 -0.78
CA ARG B 31 -20.70 -11.77 -1.37
C ARG B 31 -21.51 -12.75 -0.55
N VAL B 32 -22.83 -12.57 -0.54
CA VAL B 32 -23.70 -13.62 -0.02
C VAL B 32 -23.77 -14.70 -1.12
N ILE B 33 -23.42 -15.94 -0.77
CA ILE B 33 -23.29 -17.01 -1.75
C ILE B 33 -24.16 -18.20 -1.36
N LEU B 34 -24.58 -18.96 -2.37
CA LEU B 34 -25.54 -20.05 -2.21
C LEU B 34 -25.01 -21.35 -2.86
N PRO B 35 -25.45 -22.51 -2.36
CA PRO B 35 -24.96 -23.80 -2.86
C PRO B 35 -25.22 -24.05 -4.35
N ARG B 36 -24.43 -24.93 -4.96
CA ARG B 36 -24.69 -25.42 -6.33
C ARG B 36 -25.93 -26.31 -6.33
N PRO B 37 -26.66 -26.38 -7.46
CA PRO B 37 -27.72 -27.39 -7.54
C PRO B 37 -27.16 -28.78 -7.24
N GLY B 38 -27.92 -29.56 -6.48
CA GLY B 38 -27.53 -30.91 -6.09
C GLY B 38 -26.53 -30.96 -4.94
N GLU B 39 -26.22 -29.82 -4.32
CA GLU B 39 -25.31 -29.83 -3.17
C GLU B 39 -25.95 -30.64 -2.06
N PRO B 40 -25.18 -31.57 -1.46
CA PRO B 40 -25.68 -32.34 -0.29
C PRO B 40 -26.14 -31.39 0.82
N LEU B 41 -27.14 -31.84 1.58
CA LEU B 41 -27.75 -31.00 2.61
C LEU B 41 -26.78 -30.61 3.74
N ASP B 42 -25.84 -31.48 4.08
CA ASP B 42 -24.82 -31.18 5.08
C ASP B 42 -24.03 -29.93 4.66
N VAL B 43 -23.58 -29.94 3.41
CA VAL B 43 -22.71 -28.87 2.87
C VAL B 43 -23.49 -27.57 2.76
N ARG B 44 -24.80 -27.67 2.54
CA ARG B 44 -25.66 -26.50 2.46
C ARG B 44 -25.70 -25.71 3.76
N LYS B 45 -25.41 -26.39 4.87
CA LYS B 45 -25.42 -25.74 6.18
C LYS B 45 -24.32 -24.69 6.30
N LEU B 46 -23.36 -24.73 5.37
CA LEU B 46 -22.27 -23.76 5.34
C LEU B 46 -22.74 -22.43 4.78
N TYR B 47 -23.92 -22.43 4.14
CA TYR B 47 -24.42 -21.26 3.43
C TYR B 47 -25.69 -20.71 4.05
N LEU B 48 -26.62 -21.61 4.37
CA LEU B 48 -27.92 -21.19 4.90
C LEU B 48 -28.49 -22.20 5.85
N GLU B 49 -29.24 -21.71 6.83
CA GLU B 49 -29.89 -22.55 7.82
C GLU B 49 -31.39 -22.28 7.72
N GLU B 50 -32.14 -23.32 7.39
CA GLU B 50 -33.58 -23.18 7.14
C GLU B 50 -34.38 -23.83 8.26
N SER B 51 -35.38 -23.10 8.76
CA SER B 51 -36.31 -23.63 9.74
C SER B 51 -37.00 -24.89 9.22
N THR B 52 -37.08 -25.91 10.06
CA THR B 52 -37.76 -27.16 9.71
C THR B 52 -39.27 -26.92 9.58
N THR B 53 -39.76 -25.80 10.08
CA THR B 53 -41.18 -25.46 9.99
C THR B 53 -41.55 -24.85 8.64
N ASN B 54 -40.57 -24.49 7.81
CA ASN B 54 -40.85 -24.01 6.46
C ASN B 54 -41.52 -25.11 5.66
N ALA B 55 -42.43 -24.73 4.78
CA ALA B 55 -43.18 -25.70 3.99
C ALA B 55 -42.29 -26.40 2.97
N ARG B 56 -41.37 -25.64 2.37
CA ARG B 56 -40.50 -26.19 1.34
C ARG B 56 -39.05 -25.72 1.52
N ARG B 57 -38.13 -26.47 0.94
CA ARG B 57 -36.72 -26.10 0.94
C ARG B 57 -36.55 -24.88 0.04
N ALA B 58 -35.70 -23.95 0.47
CA ALA B 58 -35.38 -22.81 -0.35
C ALA B 58 -34.57 -23.26 -1.58
N HIS B 59 -34.76 -22.58 -2.70
CA HIS B 59 -34.15 -22.97 -3.95
C HIS B 59 -33.22 -21.87 -4.46
N ALA B 60 -32.01 -22.26 -4.84
CA ALA B 60 -31.02 -21.30 -5.34
C ALA B 60 -30.86 -21.36 -6.87
N PRO B 61 -31.47 -20.40 -7.59
CA PRO B 61 -31.43 -20.47 -9.05
C PRO B 61 -30.04 -20.17 -9.58
N THR B 62 -29.24 -19.44 -8.79
CA THR B 62 -27.85 -19.16 -9.14
C THR B 62 -27.03 -19.14 -7.88
N ARG B 63 -25.71 -19.05 -7.99
CA ARG B 63 -24.87 -19.07 -6.80
C ARG B 63 -25.00 -17.82 -5.94
N THR B 64 -25.71 -16.80 -6.44
CA THR B 64 -25.82 -15.52 -5.73
C THR B 64 -27.25 -15.07 -5.44
N SER B 65 -28.22 -15.97 -5.67
CA SER B 65 -29.62 -15.67 -5.37
C SER B 65 -30.37 -16.82 -4.70
N LEU B 66 -31.52 -16.52 -4.11
CA LEU B 66 -32.27 -17.51 -3.34
C LEU B 66 -33.74 -17.20 -3.48
N GLN B 67 -34.53 -18.27 -3.67
CA GLN B 67 -35.99 -18.20 -3.59
C GLN B 67 -36.45 -18.86 -2.29
N ILE B 68 -37.20 -18.09 -1.51
CA ILE B 68 -37.72 -18.49 -0.21
C ILE B 68 -39.24 -18.45 -0.29
N GLY B 69 -39.89 -19.49 0.21
CA GLY B 69 -41.35 -19.54 0.19
C GLY B 69 -42.00 -18.53 1.11
N ALA B 70 -43.29 -18.32 0.92
CA ALA B 70 -44.10 -17.52 1.83
C ALA B 70 -43.97 -18.09 3.22
N GLU B 71 -44.12 -17.23 4.24
CA GLU B 71 -44.19 -17.65 5.65
C GLU B 71 -43.07 -18.59 6.05
N SER B 72 -41.85 -18.19 5.69
CA SER B 72 -40.67 -19.02 5.90
C SER B 72 -39.54 -18.21 6.51
N GLU B 73 -38.66 -18.89 7.24
CA GLU B 73 -37.51 -18.24 7.83
C GLU B 73 -36.23 -18.92 7.37
N VAL B 74 -35.25 -18.11 6.94
CA VAL B 74 -33.94 -18.63 6.63
C VAL B 74 -32.91 -17.76 7.34
N SER B 75 -31.99 -18.42 8.02
CA SER B 75 -30.89 -17.73 8.67
C SER B 75 -29.62 -17.84 7.84
N PHE B 76 -28.92 -16.72 7.68
CA PHE B 76 -27.60 -16.73 7.06
C PHE B 76 -26.48 -16.64 8.10
N ALA B 77 -26.74 -17.15 9.30
CA ALA B 77 -25.72 -17.25 10.37
C ALA B 77 -24.88 -18.48 10.08
N THR B 78 -24.02 -18.35 9.09
CA THR B 78 -23.35 -19.51 8.53
C THR B 78 -21.91 -19.20 8.20
N TYR B 79 -21.12 -20.26 8.05
CA TYR B 79 -19.71 -20.12 7.76
C TYR B 79 -19.41 -19.15 6.62
N PHE B 80 -20.16 -19.26 5.52
CA PHE B 80 -19.86 -18.50 4.32
C PHE B 80 -20.57 -17.16 4.24
N ASN B 81 -21.66 -16.99 4.98
CA ASN B 81 -22.51 -15.81 4.77
C ASN B 81 -22.60 -14.83 5.94
N ALA B 82 -22.22 -15.28 7.12
CA ALA B 82 -22.02 -14.38 8.25
C ALA B 82 -20.73 -13.60 8.02
N PHE B 83 -20.60 -12.45 8.69
CA PHE B 83 -19.42 -11.60 8.53
C PHE B 83 -18.55 -11.62 9.81
N PRO B 84 -17.26 -12.04 9.68
CA PRO B 84 -16.39 -12.22 10.85
C PRO B 84 -15.89 -10.87 11.35
N ALA B 85 -16.80 -10.13 11.99
CA ALA B 85 -16.58 -8.75 12.37
C ALA B 85 -15.30 -8.51 13.16
N SER B 86 -14.98 -9.38 14.11
CA SER B 86 -13.86 -9.13 15.03
C SER B 86 -12.51 -9.10 14.34
N TYR B 87 -12.40 -9.83 13.22
CA TYR B 87 -11.16 -9.86 12.46
C TYR B 87 -10.99 -8.58 11.65
N TRP B 88 -12.09 -8.06 11.12
CA TRP B 88 -12.02 -6.82 10.36
C TRP B 88 -11.72 -5.64 11.30
N ARG B 89 -12.25 -5.70 12.52
CA ARG B 89 -11.96 -4.69 13.51
C ARG B 89 -10.48 -4.73 13.90
N ARG B 90 -9.97 -5.93 14.14
CA ARG B 90 -8.60 -6.08 14.61
C ARG B 90 -7.55 -5.73 13.54
N TRP B 91 -7.80 -6.12 12.29
CA TRP B 91 -6.74 -6.08 11.27
C TRP B 91 -6.88 -5.03 10.18
N THR B 92 -8.08 -4.46 10.00
CA THR B 92 -8.31 -3.52 8.90
C THR B 92 -8.74 -2.12 9.34
N THR B 93 -8.78 -1.19 8.39
CA THR B 93 -9.18 0.20 8.66
C THR B 93 -10.71 0.41 8.63
N CYS B 94 -11.47 -0.66 8.37
CA CYS B 94 -12.93 -0.55 8.31
C CYS B 94 -13.54 -0.36 9.69
N LYS B 95 -14.18 0.79 9.87
CA LYS B 95 -14.81 1.14 11.15
C LYS B 95 -16.20 0.57 11.22
N SER B 96 -16.79 0.35 10.04
CA SER B 96 -18.12 -0.21 9.94
C SER B 96 -18.21 -1.07 8.69
N VAL B 97 -19.23 -1.92 8.63
CA VAL B 97 -19.48 -2.74 7.45
C VAL B 97 -20.93 -2.50 7.03
N VAL B 98 -21.18 -2.55 5.73
CA VAL B 98 -22.55 -2.32 5.23
C VAL B 98 -23.09 -3.58 4.60
N LEU B 99 -24.21 -4.06 5.13
CA LEU B 99 -24.96 -5.13 4.51
C LEU B 99 -25.90 -4.53 3.47
N ARG B 100 -25.80 -5.00 2.22
CA ARG B 100 -26.67 -4.59 1.12
C ARG B 100 -27.31 -5.85 0.54
N VAL B 101 -28.63 -5.96 0.67
CA VAL B 101 -29.37 -7.03 0.02
C VAL B 101 -30.42 -6.45 -0.93
N GLN B 102 -30.68 -7.15 -2.02
CA GLN B 102 -31.76 -6.74 -2.91
C GLN B 102 -32.82 -7.83 -2.92
N VAL B 103 -34.07 -7.45 -2.62
CA VAL B 103 -35.14 -8.43 -2.41
C VAL B 103 -36.47 -8.05 -3.07
N THR B 104 -37.21 -9.08 -3.52
CA THR B 104 -38.57 -8.91 -4.04
C THR B 104 -39.55 -9.68 -3.17
N GLY B 105 -40.84 -9.38 -3.29
CA GLY B 105 -41.85 -9.90 -2.37
C GLY B 105 -41.80 -9.14 -1.05
N ALA B 106 -42.40 -9.70 0.00
CA ALA B 106 -42.52 -9.00 1.29
C ALA B 106 -42.05 -9.82 2.48
N GLY B 107 -41.34 -9.18 3.40
CA GLY B 107 -40.79 -9.88 4.56
C GLY B 107 -39.91 -8.96 5.40
N ARG B 108 -39.11 -9.55 6.29
CA ARG B 108 -38.21 -8.77 7.12
C ARG B 108 -36.78 -9.26 7.02
N VAL B 109 -35.85 -8.32 7.01
CA VAL B 109 -34.43 -8.60 7.15
C VAL B 109 -34.02 -8.24 8.57
N ASP B 110 -33.57 -9.25 9.33
CA ASP B 110 -33.13 -9.04 10.71
C ASP B 110 -31.62 -9.21 10.80
N VAL B 111 -30.97 -8.23 11.42
CA VAL B 111 -29.53 -8.21 11.53
C VAL B 111 -29.16 -8.49 12.98
N TYR B 112 -28.23 -9.42 13.17
CA TYR B 112 -27.83 -9.84 14.50
C TYR B 112 -26.33 -9.77 14.56
N ARG B 113 -25.80 -9.62 15.78
CA ARG B 113 -24.37 -9.76 16.03
C ARG B 113 -24.21 -10.62 17.27
N THR B 114 -23.00 -11.14 17.49
CA THR B 114 -22.72 -11.87 18.71
C THR B 114 -21.60 -11.26 19.51
N LYS B 115 -21.59 -11.55 20.80
CA LYS B 115 -20.44 -11.25 21.64
C LYS B 115 -19.48 -12.43 21.49
N ALA B 116 -18.29 -12.28 22.05
CA ALA B 116 -17.27 -13.32 21.96
C ALA B 116 -17.65 -14.60 22.72
N THR B 117 -18.69 -14.50 23.56
CA THR B 117 -19.23 -15.67 24.25
C THR B 117 -20.16 -16.48 23.35
N GLY B 118 -20.61 -15.88 22.25
CA GLY B 118 -21.60 -16.52 21.39
C GLY B 118 -23.03 -16.01 21.64
N ALA B 119 -23.20 -15.10 22.60
CA ALA B 119 -24.53 -14.56 22.92
C ALA B 119 -25.03 -13.70 21.78
N ARG B 120 -26.25 -13.97 21.32
CA ARG B 120 -26.79 -13.29 20.14
C ARG B 120 -27.49 -11.98 20.52
N ILE B 121 -27.18 -10.92 19.80
CA ILE B 121 -27.79 -9.62 20.02
C ILE B 121 -28.56 -9.17 18.79
N PHE B 122 -29.85 -8.94 18.94
CA PHE B 122 -30.63 -8.31 17.87
C PHE B 122 -30.15 -6.88 17.67
N VAL B 123 -29.78 -6.56 16.43
CA VAL B 123 -29.33 -5.20 16.12
C VAL B 123 -30.48 -4.37 15.55
N GLU B 124 -31.02 -4.79 14.41
CA GLU B 124 -32.13 -4.08 13.79
C GLU B 124 -32.82 -4.85 12.68
N GLY B 125 -34.10 -4.53 12.47
CA GLY B 125 -34.91 -5.20 11.49
C GLY B 125 -35.48 -4.23 10.50
N HIS B 126 -35.66 -4.69 9.26
CA HIS B 126 -36.24 -3.86 8.20
C HIS B 126 -37.29 -4.63 7.41
N ASP B 127 -38.54 -4.21 7.54
CA ASP B 127 -39.61 -4.66 6.68
C ASP B 127 -39.36 -4.12 5.29
N PHE B 128 -39.65 -4.92 4.28
CA PHE B 128 -39.49 -4.51 2.88
C PHE B 128 -40.65 -5.03 2.06
N THR B 129 -40.98 -4.29 1.02
CA THR B 129 -41.87 -4.78 -0.03
C THR B 129 -41.25 -4.41 -1.37
N GLY B 130 -41.00 -5.41 -2.19
CA GLY B 130 -40.48 -5.20 -3.54
C GLY B 130 -41.20 -6.07 -4.56
N THR B 131 -41.03 -5.73 -5.84
CA THR B 131 -41.51 -6.55 -6.95
C THR B 131 -40.33 -6.78 -7.88
N GLU B 132 -40.47 -7.72 -8.82
CA GLU B 132 -39.41 -8.01 -9.80
C GLU B 132 -39.10 -6.78 -10.63
N ASP B 133 -40.11 -5.94 -10.83
CA ASP B 133 -39.96 -4.72 -11.58
C ASP B 133 -39.39 -3.59 -10.72
N GLN B 134 -39.77 -3.55 -9.44
CA GLN B 134 -39.26 -2.55 -8.50
C GLN B 134 -38.66 -3.19 -7.26
N PRO B 135 -37.48 -3.81 -7.41
CA PRO B 135 -36.90 -4.53 -6.28
C PRO B 135 -36.60 -3.59 -5.11
N ALA B 136 -36.62 -4.14 -3.90
CA ALA B 136 -36.34 -3.37 -2.69
C ALA B 136 -34.88 -3.49 -2.29
N ALA B 137 -34.26 -2.38 -1.90
CA ALA B 137 -32.90 -2.40 -1.36
C ALA B 137 -32.97 -2.29 0.14
N VAL B 138 -32.25 -3.17 0.83
CA VAL B 138 -32.12 -3.07 2.28
C VAL B 138 -30.64 -2.90 2.62
N GLU B 139 -30.33 -1.82 3.31
CA GLU B 139 -28.97 -1.47 3.71
C GLU B 139 -28.91 -1.29 5.22
N THR B 140 -27.90 -1.89 5.84
CA THR B 140 -27.70 -1.76 7.28
C THR B 140 -26.22 -1.60 7.53
N GLU B 141 -25.88 -0.50 8.21
CA GLU B 141 -24.51 -0.25 8.60
C GLU B 141 -24.31 -0.72 10.02
N VAL B 142 -23.29 -1.55 10.22
CA VAL B 142 -22.93 -2.04 11.54
C VAL B 142 -21.51 -1.57 11.87
N VAL B 143 -21.39 -0.72 12.88
CA VAL B 143 -20.09 -0.26 13.37
C VAL B 143 -19.37 -1.42 14.07
N LEU B 144 -18.07 -1.49 13.91
CA LEU B 144 -17.30 -2.62 14.39
C LEU B 144 -16.75 -2.43 15.80
N GLN B 145 -17.13 -1.32 16.43
CA GLN B 145 -16.67 -0.99 17.79
C GLN B 145 -16.77 -2.15 18.79
N PRO B 146 -17.94 -2.81 18.88
CA PRO B 146 -18.09 -3.78 19.99
C PRO B 146 -17.55 -5.18 19.72
N PHE B 147 -16.47 -5.33 18.95
CA PHE B 147 -15.93 -6.65 18.64
C PHE B 147 -14.47 -6.85 19.06
N GLU B 148 -14.12 -6.38 20.26
CA GLU B 148 -12.75 -6.51 20.76
C GLU B 148 -12.28 -7.97 20.84
N ASP B 149 -13.08 -8.84 21.46
CA ASP B 149 -12.66 -10.22 21.73
C ASP B 149 -13.15 -11.21 20.69
N GLY B 150 -14.10 -10.80 19.87
CA GLY B 150 -14.75 -11.71 18.96
C GLY B 150 -16.11 -11.23 18.53
N GLY B 151 -16.87 -12.10 17.88
CA GLY B 151 -18.20 -11.79 17.43
C GLY B 151 -18.31 -11.79 15.92
N TRP B 152 -19.50 -12.17 15.44
CA TRP B 152 -19.83 -12.19 14.04
C TRP B 152 -21.04 -11.28 13.86
N VAL B 153 -21.34 -10.94 12.62
CA VAL B 153 -22.60 -10.28 12.25
C VAL B 153 -23.24 -11.16 11.19
N TRP B 154 -24.57 -11.24 11.20
CA TRP B 154 -25.29 -11.95 10.15
C TRP B 154 -26.70 -11.40 9.98
N PHE B 155 -27.40 -11.93 8.99
CA PHE B 155 -28.81 -11.61 8.83
C PHE B 155 -29.67 -12.87 8.63
N ASP B 156 -30.93 -12.73 9.03
CA ASP B 156 -31.97 -13.69 8.73
C ASP B 156 -33.02 -13.01 7.85
N ILE B 157 -33.72 -13.81 7.04
CA ILE B 157 -34.92 -13.34 6.38
C ILE B 157 -36.12 -14.15 6.87
N THR B 158 -37.17 -13.43 7.27
CA THR B 158 -38.42 -14.02 7.63
C THR B 158 -39.45 -13.45 6.66
N THR B 159 -40.08 -14.32 5.87
CA THR B 159 -40.93 -13.85 4.78
C THR B 159 -42.38 -13.68 5.20
N ASP B 160 -43.10 -12.89 4.43
CA ASP B 160 -44.54 -12.75 4.50
C ASP B 160 -45.01 -13.52 3.27
N THR B 161 -44.88 -12.91 2.10
CA THR B 161 -45.13 -13.58 0.84
C THR B 161 -43.80 -14.20 0.37
N ALA B 162 -43.86 -14.95 -0.72
CA ALA B 162 -42.64 -15.52 -1.32
C ALA B 162 -41.63 -14.41 -1.58
N VAL B 163 -40.37 -14.66 -1.26
CA VAL B 163 -39.30 -13.68 -1.41
C VAL B 163 -38.18 -14.23 -2.30
N THR B 164 -37.61 -13.37 -3.14
CA THR B 164 -36.36 -13.69 -3.82
C THR B 164 -35.27 -12.72 -3.38
N LEU B 165 -34.18 -13.26 -2.84
CA LEU B 165 -32.95 -12.51 -2.62
C LEU B 165 -32.18 -12.52 -3.93
N HIS B 166 -32.17 -11.38 -4.63
CA HIS B 166 -31.49 -11.27 -5.93
C HIS B 166 -29.96 -11.19 -5.81
N SER B 167 -29.51 -10.61 -4.69
CA SER B 167 -28.09 -10.46 -4.37
C SER B 167 -27.95 -9.90 -2.97
N GLY B 168 -26.83 -10.20 -2.34
CA GLY B 168 -26.46 -9.63 -1.05
C GLY B 168 -24.94 -9.57 -0.96
N GLY B 169 -24.44 -8.63 -0.16
CA GLY B 169 -23.02 -8.52 0.09
C GLY B 169 -22.72 -7.71 1.35
N TRP B 170 -21.51 -7.94 1.89
CA TRP B 170 -20.94 -7.11 2.94
C TRP B 170 -19.97 -6.14 2.28
N TYR B 171 -20.08 -4.84 2.60
CA TYR B 171 -19.33 -3.80 1.93
C TYR B 171 -18.63 -2.87 2.90
N ALA B 172 -17.48 -2.37 2.48
CA ALA B 172 -16.80 -1.30 3.18
C ALA B 172 -17.44 0.00 2.71
N THR B 173 -17.20 1.08 3.45
CA THR B 173 -17.78 2.40 3.13
C THR B 173 -16.87 3.25 2.24
N SER B 174 -15.68 2.75 1.97
CA SER B 174 -14.71 3.47 1.12
C SER B 174 -14.08 2.53 0.10
N PRO B 175 -13.34 3.06 -0.89
CA PRO B 175 -12.82 2.16 -1.92
C PRO B 175 -11.68 1.27 -1.40
N ALA B 176 -11.59 0.07 -1.94
CA ALA B 176 -10.51 -0.84 -1.59
C ALA B 176 -9.16 -0.23 -1.98
N PRO B 177 -8.28 -0.03 -1.00
CA PRO B 177 -6.96 0.58 -1.24
C PRO B 177 -6.11 -0.29 -2.14
N GLY B 178 -5.23 0.36 -2.91
CA GLY B 178 -4.25 -0.33 -3.76
C GLY B 178 -4.88 -0.92 -5.00
N THR B 179 -4.10 -1.70 -5.74
CA THR B 179 -4.60 -2.38 -6.92
C THR B 179 -4.65 -3.89 -6.70
N ALA B 180 -5.57 -4.55 -7.40
CA ALA B 180 -5.76 -5.99 -7.30
C ALA B 180 -5.02 -6.72 -8.42
N ASN B 181 -3.95 -7.40 -8.06
CA ASN B 181 -3.09 -8.05 -9.03
C ASN B 181 -2.35 -9.22 -8.40
N ILE B 182 -2.96 -10.41 -8.48
CA ILE B 182 -2.46 -11.59 -7.78
C ILE B 182 -1.61 -12.50 -8.66
N ALA B 183 -0.49 -12.97 -8.11
CA ALA B 183 0.21 -14.11 -8.67
C ALA B 183 -0.17 -15.35 -7.86
N VAL B 184 -0.91 -16.26 -8.48
CA VAL B 184 -1.30 -17.50 -7.84
C VAL B 184 -0.24 -18.56 -8.05
N GLY B 185 0.13 -19.27 -6.99
CA GLY B 185 1.14 -20.31 -7.09
C GLY B 185 0.60 -21.69 -6.78
N ILE B 186 0.81 -22.63 -7.70
CA ILE B 186 0.36 -24.00 -7.52
C ILE B 186 1.45 -25.04 -7.84
N PRO B 187 2.28 -25.40 -6.85
CA PRO B 187 3.21 -26.51 -7.03
C PRO B 187 2.41 -27.80 -7.21
N THR B 188 2.93 -28.69 -8.04
CA THR B 188 2.25 -29.94 -8.37
C THR B 188 3.24 -31.09 -8.55
N PHE B 189 2.84 -32.29 -8.15
CA PHE B 189 3.70 -33.47 -8.21
C PHE B 189 2.86 -34.69 -8.54
N ASN B 190 2.91 -35.11 -9.81
CA ASN B 190 2.20 -36.29 -10.30
C ASN B 190 0.71 -36.33 -9.99
N ARG B 191 0.09 -35.16 -10.01
CA ARG B 191 -1.37 -35.06 -9.88
C ARG B 191 -1.90 -34.15 -10.99
N PRO B 192 -1.68 -34.53 -12.27
CA PRO B 192 -2.05 -33.67 -13.38
C PRO B 192 -3.54 -33.35 -13.47
N ALA B 193 -4.40 -34.33 -13.21
CA ALA B 193 -5.86 -34.10 -13.21
C ALA B 193 -6.31 -33.10 -12.13
N ASP B 194 -5.65 -33.13 -10.97
CA ASP B 194 -5.96 -32.20 -9.88
C ASP B 194 -5.54 -30.77 -10.22
N CYS B 195 -4.31 -30.63 -10.71
CA CYS B 195 -3.77 -29.32 -11.05
C CYS B 195 -4.59 -28.67 -12.18
N VAL B 196 -4.88 -29.44 -13.21
CA VAL B 196 -5.73 -28.98 -14.32
C VAL B 196 -7.07 -28.48 -13.78
N ASN B 197 -7.64 -29.23 -12.85
CA ASN B 197 -8.89 -28.84 -12.23
C ASN B 197 -8.75 -27.52 -11.47
N ALA B 198 -7.64 -27.35 -10.76
CA ALA B 198 -7.37 -26.12 -10.03
C ALA B 198 -7.19 -24.93 -10.98
N LEU B 199 -6.49 -25.17 -12.08
CA LEU B 199 -6.34 -24.15 -13.12
C LEU B 199 -7.69 -23.68 -13.66
N ARG B 200 -8.60 -24.62 -13.88
CA ARG B 200 -9.94 -24.31 -14.39
C ARG B 200 -10.77 -23.50 -13.40
N GLU B 201 -10.74 -23.89 -12.11
CA GLU B 201 -11.52 -23.22 -11.07
C GLU B 201 -11.09 -21.78 -10.79
N LEU B 202 -9.84 -21.44 -11.11
CA LEU B 202 -9.35 -20.08 -10.95
C LEU B 202 -10.06 -19.08 -11.85
N THR B 203 -10.46 -19.51 -13.05
CA THR B 203 -11.09 -18.65 -14.04
C THR B 203 -12.61 -18.88 -14.17
N ALA B 204 -13.17 -19.69 -13.28
CA ALA B 204 -14.59 -20.00 -13.34
C ALA B 204 -15.46 -18.80 -12.98
N ASP B 205 -14.94 -17.94 -12.12
CA ASP B 205 -15.67 -16.76 -11.65
C ASP B 205 -15.02 -15.50 -12.22
N PRO B 206 -15.79 -14.71 -13.00
CA PRO B 206 -15.20 -13.53 -13.66
C PRO B 206 -14.52 -12.57 -12.67
N LEU B 207 -15.14 -12.36 -11.51
CA LEU B 207 -14.63 -11.40 -10.51
C LEU B 207 -13.25 -11.80 -9.98
N VAL B 208 -12.99 -13.12 -9.93
CA VAL B 208 -11.71 -13.65 -9.52
C VAL B 208 -10.73 -13.63 -10.71
N ASP B 209 -11.17 -14.13 -11.86
CA ASP B 209 -10.41 -14.08 -13.09
C ASP B 209 -9.80 -12.70 -13.33
N GLN B 210 -10.60 -11.66 -13.10
CA GLN B 210 -10.18 -10.26 -13.29
C GLN B 210 -8.96 -9.86 -12.47
N VAL B 211 -8.86 -10.38 -11.25
CA VAL B 211 -7.83 -9.93 -10.29
C VAL B 211 -6.58 -10.83 -10.29
N ILE B 212 -6.54 -11.79 -11.20
CA ILE B 212 -5.37 -12.68 -11.32
C ILE B 212 -4.47 -12.20 -12.43
N GLY B 213 -3.25 -11.80 -12.07
CA GLY B 213 -2.29 -11.29 -13.04
C GLY B 213 -1.32 -12.35 -13.54
N ALA B 214 -1.15 -13.40 -12.73
CA ALA B 214 -0.31 -14.55 -13.10
C ALA B 214 -0.67 -15.84 -12.36
N VAL B 215 -0.37 -16.97 -12.98
CA VAL B 215 -0.47 -18.27 -12.31
C VAL B 215 0.82 -19.00 -12.58
N ILE B 216 1.59 -19.26 -11.52
CA ILE B 216 2.87 -19.95 -11.62
C ILE B 216 2.74 -21.40 -11.17
N VAL B 217 3.14 -22.32 -12.04
CA VAL B 217 3.02 -23.74 -11.74
C VAL B 217 4.37 -24.46 -11.82
N PRO B 218 5.03 -24.64 -10.66
CA PRO B 218 6.19 -25.51 -10.55
C PRO B 218 5.80 -26.98 -10.66
N ASP B 219 6.09 -27.58 -11.82
CA ASP B 219 5.77 -28.96 -12.06
C ASP B 219 6.97 -29.81 -11.69
N GLN B 220 6.88 -30.49 -10.55
CA GLN B 220 8.00 -31.21 -9.98
C GLN B 220 7.95 -32.72 -10.25
N GLY B 221 6.94 -33.15 -11.01
CA GLY B 221 6.70 -34.58 -11.21
C GLY B 221 7.13 -35.12 -12.56
N GLU B 222 7.01 -36.44 -12.74
CA GLU B 222 7.28 -37.09 -14.02
C GLU B 222 6.05 -37.15 -14.94
N ARG B 223 4.86 -37.14 -14.35
CA ARG B 223 3.62 -37.05 -15.13
C ARG B 223 3.21 -35.58 -15.21
N LYS B 224 3.52 -34.96 -16.34
CA LYS B 224 3.40 -33.51 -16.51
C LYS B 224 1.97 -33.04 -16.76
N VAL B 225 1.63 -31.90 -16.17
CA VAL B 225 0.29 -31.31 -16.25
C VAL B 225 -0.08 -30.87 -17.68
N ARG B 226 0.92 -30.40 -18.43
CA ARG B 226 0.71 -29.95 -19.80
C ARG B 226 0.39 -31.10 -20.76
N ASP B 227 0.65 -32.33 -20.30
CA ASP B 227 0.37 -33.54 -21.08
C ASP B 227 -1.04 -34.09 -20.84
N HIS B 228 -1.77 -33.48 -19.91
CA HIS B 228 -3.14 -33.88 -19.63
C HIS B 228 -4.09 -33.43 -20.75
N PRO B 229 -5.05 -34.29 -21.13
CA PRO B 229 -6.06 -34.02 -22.15
C PRO B 229 -6.81 -32.68 -21.97
N ASP B 230 -7.16 -32.36 -20.72
CA ASP B 230 -8.00 -31.20 -20.43
C ASP B 230 -7.21 -29.91 -20.17
N PHE B 231 -5.88 -30.00 -20.27
CA PHE B 231 -5.00 -28.86 -20.05
C PHE B 231 -5.15 -27.73 -21.08
N PRO B 232 -5.12 -28.05 -22.40
CA PRO B 232 -5.21 -26.95 -23.36
C PRO B 232 -6.39 -26.01 -23.12
N ALA B 233 -7.55 -26.57 -22.81
CA ALA B 233 -8.75 -25.78 -22.57
C ALA B 233 -8.64 -24.94 -21.30
N ALA B 234 -8.05 -25.52 -20.25
CA ALA B 234 -7.85 -24.79 -19.00
C ALA B 234 -6.79 -23.70 -19.19
N ALA B 235 -5.75 -24.02 -19.96
CA ALA B 235 -4.67 -23.08 -20.25
C ALA B 235 -5.12 -21.92 -21.12
N ALA B 236 -6.05 -22.20 -22.03
CA ALA B 236 -6.56 -21.19 -22.96
C ALA B 236 -7.30 -20.04 -22.26
N ARG B 237 -7.92 -20.34 -21.12
CA ARG B 237 -8.64 -19.33 -20.33
C ARG B 237 -7.69 -18.40 -19.56
N LEU B 238 -6.45 -18.83 -19.36
CA LEU B 238 -5.45 -18.03 -18.65
C LEU B 238 -4.48 -17.29 -19.57
N GLY B 239 -4.39 -17.73 -20.82
CA GLY B 239 -3.49 -17.12 -21.80
C GLY B 239 -2.05 -17.04 -21.33
N SER B 240 -1.42 -15.89 -21.55
CA SER B 240 -0.02 -15.65 -21.18
C SER B 240 0.21 -15.52 -19.66
N ARG B 241 -0.87 -15.49 -18.88
CA ARG B 241 -0.77 -15.42 -17.43
C ARG B 241 -0.18 -16.70 -16.82
N LEU B 242 -0.33 -17.82 -17.53
CA LEU B 242 0.14 -19.11 -17.04
C LEU B 242 1.56 -19.44 -17.49
N SER B 243 2.41 -19.76 -16.52
CA SER B 243 3.72 -20.31 -16.81
C SER B 243 3.94 -21.57 -15.98
N ILE B 244 4.46 -22.61 -16.64
CA ILE B 244 4.80 -23.87 -15.98
C ILE B 244 6.31 -24.03 -15.97
N HIS B 245 6.86 -24.33 -14.81
CA HIS B 245 8.31 -24.47 -14.65
C HIS B 245 8.67 -25.87 -14.14
N ASP B 246 9.45 -26.60 -14.92
CA ASP B 246 9.90 -27.94 -14.55
C ASP B 246 11.11 -27.83 -13.64
N GLN B 247 11.09 -28.60 -12.56
CA GLN B 247 12.21 -28.66 -11.61
C GLN B 247 12.18 -30.01 -10.90
N PRO B 248 13.29 -30.39 -10.24
CA PRO B 248 13.25 -31.66 -9.51
C PRO B 248 12.28 -31.62 -8.32
N ASN B 249 12.06 -32.78 -7.72
CA ASN B 249 11.21 -32.86 -6.53
C ASN B 249 11.90 -32.21 -5.32
N LEU B 250 11.65 -30.92 -5.15
CA LEU B 250 12.22 -30.16 -4.04
C LEU B 250 11.15 -29.93 -2.97
N GLY B 251 10.12 -30.76 -3.00
CA GLY B 251 9.04 -30.75 -2.00
C GLY B 251 8.17 -29.51 -2.09
N GLY B 252 7.42 -29.25 -1.02
CA GLY B 252 6.61 -28.03 -0.93
C GLY B 252 7.48 -26.79 -0.85
N SER B 253 8.56 -26.86 -0.08
CA SER B 253 9.46 -25.72 0.11
C SER B 253 9.96 -25.23 -1.23
N GLY B 254 10.49 -26.15 -2.03
CA GLY B 254 11.04 -25.82 -3.33
C GLY B 254 9.94 -25.38 -4.27
N GLY B 255 8.78 -26.03 -4.18
CA GLY B 255 7.63 -25.68 -5.00
C GLY B 255 7.19 -24.25 -4.75
N TYR B 256 6.97 -23.91 -3.48
CA TYR B 256 6.53 -22.57 -3.12
C TYR B 256 7.61 -21.52 -3.30
N SER B 257 8.85 -21.90 -3.00
CA SER B 257 9.99 -21.02 -3.24
C SER B 257 10.06 -20.57 -4.71
N ARG B 258 9.86 -21.52 -5.63
CA ARG B 258 9.84 -21.21 -7.06
C ARG B 258 8.72 -20.24 -7.38
N VAL B 259 7.55 -20.43 -6.77
CA VAL B 259 6.43 -19.51 -6.96
C VAL B 259 6.83 -18.08 -6.60
N MET B 260 7.37 -17.91 -5.40
CA MET B 260 7.80 -16.59 -4.93
C MET B 260 8.93 -16.03 -5.82
N TYR B 261 9.87 -16.88 -6.18
CA TYR B 261 10.95 -16.51 -7.11
C TYR B 261 10.40 -15.98 -8.44
N GLU B 262 9.51 -16.74 -9.07
CA GLU B 262 8.92 -16.32 -10.35
C GLU B 262 8.04 -15.08 -10.22
N ALA B 263 7.24 -14.99 -9.17
CA ALA B 263 6.39 -13.83 -8.96
C ALA B 263 7.23 -12.57 -8.85
N LEU B 264 8.24 -12.60 -7.99
CA LEU B 264 9.06 -11.43 -7.76
C LEU B 264 9.93 -11.07 -8.97
N LYS B 265 10.51 -12.07 -9.63
CA LYS B 265 11.43 -11.81 -10.74
C LYS B 265 10.71 -11.51 -12.08
N ASN B 266 9.65 -12.26 -12.37
CA ASN B 266 9.01 -12.21 -13.69
C ASN B 266 7.58 -11.62 -13.76
N THR B 267 7.06 -11.09 -12.65
CA THR B 267 5.77 -10.41 -12.67
C THR B 267 5.87 -9.10 -11.90
N ASP B 268 4.85 -8.25 -12.03
CA ASP B 268 4.75 -7.04 -11.22
C ASP B 268 3.63 -7.17 -10.19
N CYS B 269 3.20 -8.39 -9.93
CA CYS B 269 2.05 -8.67 -9.06
C CYS B 269 2.26 -8.21 -7.63
N GLN B 270 1.30 -7.44 -7.13
CA GLN B 270 1.40 -6.86 -5.79
C GLN B 270 1.09 -7.85 -4.67
N GLN B 271 0.42 -8.96 -5.00
CA GLN B 271 0.07 -10.01 -4.03
C GLN B 271 0.53 -11.38 -4.51
N ILE B 272 1.09 -12.16 -3.61
CA ILE B 272 1.46 -13.55 -3.93
C ILE B 272 0.53 -14.50 -3.18
N LEU B 273 -0.26 -15.27 -3.93
CA LEU B 273 -1.18 -16.22 -3.34
C LEU B 273 -0.71 -17.65 -3.49
N PHE B 274 -0.19 -18.21 -2.39
CA PHE B 274 0.14 -19.63 -2.36
C PHE B 274 -1.14 -20.44 -2.28
N MET B 275 -1.31 -21.36 -3.22
CA MET B 275 -2.42 -22.32 -3.15
C MET B 275 -1.90 -23.73 -3.36
N ASP B 276 -2.81 -24.70 -3.39
CA ASP B 276 -2.45 -26.10 -3.58
C ASP B 276 -3.15 -26.64 -4.81
N ASP B 277 -2.69 -27.80 -5.31
CA ASP B 277 -3.30 -28.41 -6.50
C ASP B 277 -4.47 -29.34 -6.21
N ASP B 278 -4.44 -30.02 -5.06
CA ASP B 278 -5.49 -30.95 -4.66
C ASP B 278 -6.56 -30.28 -3.79
N ILE B 279 -7.23 -29.28 -4.38
CA ILE B 279 -8.23 -28.47 -3.68
C ILE B 279 -9.51 -28.29 -4.49
N ARG B 280 -10.60 -28.02 -3.77
CA ARG B 280 -11.80 -27.44 -4.38
C ARG B 280 -11.91 -26.03 -3.85
N LEU B 281 -12.23 -25.12 -4.75
CA LEU B 281 -12.29 -23.71 -4.45
C LEU B 281 -13.73 -23.22 -4.31
N GLU B 282 -13.96 -22.39 -3.31
CA GLU B 282 -15.09 -21.44 -3.34
C GLU B 282 -14.52 -20.08 -3.75
N PRO B 283 -14.68 -19.71 -5.03
CA PRO B 283 -13.97 -18.53 -5.57
C PRO B 283 -14.06 -17.26 -4.72
N ASP B 284 -15.21 -16.97 -4.10
CA ASP B 284 -15.32 -15.75 -3.30
C ASP B 284 -14.32 -15.69 -2.13
N SER B 285 -13.87 -16.86 -1.67
CA SER B 285 -12.85 -16.94 -0.61
C SER B 285 -11.61 -16.12 -0.99
N ILE B 286 -11.19 -16.22 -2.25
CA ILE B 286 -10.04 -15.47 -2.76
C ILE B 286 -10.28 -13.96 -2.67
N LEU B 287 -11.49 -13.54 -3.04
CA LEU B 287 -11.86 -12.13 -2.96
C LEU B 287 -11.85 -11.59 -1.53
N ARG B 288 -12.31 -12.40 -0.59
CA ARG B 288 -12.35 -12.06 0.83
C ARG B 288 -10.94 -11.87 1.40
N VAL B 289 -10.03 -12.77 1.02
CA VAL B 289 -8.64 -12.68 1.44
C VAL B 289 -8.00 -11.43 0.83
N LEU B 290 -8.25 -11.20 -0.45
CA LEU B 290 -7.75 -10.02 -1.16
C LEU B 290 -8.26 -8.73 -0.52
N ALA B 291 -9.56 -8.66 -0.24
CA ALA B 291 -10.17 -7.49 0.41
C ALA B 291 -9.56 -7.21 1.78
N MET B 292 -9.31 -8.26 2.58
CA MET B 292 -8.71 -8.05 3.89
C MET B 292 -7.27 -7.53 3.75
N HIS B 293 -6.53 -8.09 2.81
CA HIS B 293 -5.17 -7.65 2.50
C HIS B 293 -5.12 -6.17 2.11
N ARG B 294 -6.02 -5.78 1.20
CA ARG B 294 -6.05 -4.42 0.69
C ARG B 294 -6.45 -3.42 1.77
N PHE B 295 -7.38 -3.82 2.64
CA PHE B 295 -7.87 -2.93 3.70
C PHE B 295 -7.05 -2.99 5.00
N ALA B 296 -6.02 -3.82 5.04
CA ALA B 296 -5.16 -3.98 6.22
C ALA B 296 -4.64 -2.67 6.79
N LYS B 297 -4.57 -2.58 8.13
CA LYS B 297 -3.99 -1.43 8.83
C LYS B 297 -2.54 -1.20 8.44
N ALA B 298 -1.83 -2.31 8.24
CA ALA B 298 -0.43 -2.32 7.82
C ALA B 298 -0.15 -3.66 7.16
N PRO B 299 0.86 -3.72 6.26
CA PRO B 299 1.20 -4.94 5.53
C PRO B 299 1.21 -6.19 6.42
N MET B 300 0.66 -7.28 5.91
CA MET B 300 0.40 -8.49 6.68
C MET B 300 0.09 -9.67 5.76
N LEU B 301 0.27 -10.88 6.27
CA LEU B 301 -0.12 -12.08 5.55
C LEU B 301 -1.56 -12.45 5.91
N VAL B 302 -2.36 -12.74 4.90
CA VAL B 302 -3.75 -13.11 5.11
C VAL B 302 -4.00 -14.52 4.62
N GLY B 303 -4.43 -15.39 5.52
CA GLY B 303 -4.67 -16.79 5.17
C GLY B 303 -6.13 -17.20 5.15
N GLY B 304 -6.43 -18.18 4.30
CA GLY B 304 -7.74 -18.82 4.29
C GLY B 304 -7.74 -20.11 5.08
N GLN B 305 -8.92 -20.51 5.54
CA GLN B 305 -9.08 -21.74 6.29
C GLN B 305 -9.24 -22.97 5.37
N MET B 306 -9.18 -24.16 5.94
CA MET B 306 -9.40 -25.38 5.19
C MET B 306 -10.67 -26.11 5.66
N LEU B 307 -11.60 -26.32 4.74
CA LEU B 307 -12.69 -27.26 4.97
C LEU B 307 -12.21 -28.62 4.50
N ASN B 308 -12.70 -29.67 5.13
CA ASN B 308 -12.24 -31.04 4.89
C ASN B 308 -12.83 -31.58 3.60
N LEU B 309 -11.96 -31.83 2.62
CA LEU B 309 -12.36 -32.30 1.31
C LEU B 309 -13.15 -33.61 1.38
N GLN B 310 -12.89 -34.40 2.42
CA GLN B 310 -13.50 -35.74 2.55
C GLN B 310 -14.74 -35.74 3.44
N GLU B 311 -14.96 -34.63 4.14
CA GLU B 311 -16.11 -34.41 5.01
C GLU B 311 -16.45 -32.93 4.87
N PRO B 312 -17.11 -32.57 3.75
CA PRO B 312 -17.06 -31.18 3.26
C PRO B 312 -17.80 -30.12 4.10
N SER B 313 -18.54 -30.51 5.13
CA SER B 313 -19.19 -29.54 6.02
C SER B 313 -18.37 -29.28 7.28
N HIS B 314 -17.19 -29.92 7.36
CA HIS B 314 -16.30 -29.84 8.53
C HIS B 314 -15.16 -28.84 8.32
N LEU B 315 -15.02 -27.91 9.26
CA LEU B 315 -13.87 -27.01 9.29
C LEU B 315 -12.69 -27.68 9.99
N HIS B 316 -11.55 -27.70 9.33
CA HIS B 316 -10.34 -28.28 9.92
C HIS B 316 -9.94 -27.62 11.25
N ILE B 317 -9.70 -26.32 11.24
CA ILE B 317 -9.24 -25.61 12.42
C ILE B 317 -9.46 -24.11 12.22
N MET B 318 -9.85 -23.40 13.28
CA MET B 318 -10.01 -21.94 13.21
C MET B 318 -8.67 -21.26 13.01
N GLY B 319 -7.62 -21.81 13.63
CA GLY B 319 -6.29 -21.24 13.52
C GLY B 319 -5.23 -21.99 14.33
N GLU B 320 -3.98 -21.83 13.93
CA GLU B 320 -2.88 -22.56 14.57
C GLU B 320 -1.79 -21.63 15.11
N VAL B 321 -1.05 -22.12 16.10
CA VAL B 321 0.04 -21.35 16.71
C VAL B 321 1.25 -22.27 16.87
N VAL B 322 2.39 -21.70 17.27
CA VAL B 322 3.50 -22.52 17.76
C VAL B 322 3.59 -22.32 19.27
N ASP B 323 3.39 -23.41 20.01
CA ASP B 323 3.50 -23.44 21.47
C ASP B 323 4.97 -23.32 21.86
N ARG B 324 5.31 -22.17 22.43
CA ARG B 324 6.70 -21.81 22.76
C ARG B 324 7.36 -22.60 23.87
N SER B 325 6.57 -23.31 24.69
CA SER B 325 7.13 -24.04 25.84
C SER B 325 7.83 -25.33 25.42
N ILE B 326 7.38 -25.93 24.32
CA ILE B 326 8.00 -27.13 23.78
C ILE B 326 8.33 -26.98 22.28
N PHE B 327 8.09 -25.78 21.75
CA PHE B 327 8.18 -25.45 20.32
C PHE B 327 7.50 -26.47 19.42
N MET B 328 6.18 -26.52 19.52
CA MET B 328 5.41 -27.42 18.67
C MET B 328 4.20 -26.68 18.12
N TRP B 329 3.85 -26.99 16.87
CA TRP B 329 2.62 -26.45 16.29
C TRP B 329 1.41 -27.16 16.90
N THR B 330 0.36 -26.40 17.15
CA THR B 330 -0.88 -26.92 17.70
C THR B 330 -2.05 -26.01 17.36
N ALA B 331 -3.24 -26.43 17.74
CA ALA B 331 -4.42 -25.60 17.67
C ALA B 331 -4.20 -24.37 18.54
N ALA B 332 -4.62 -23.21 18.03
CA ALA B 332 -4.67 -21.99 18.82
C ALA B 332 -5.49 -22.22 20.09
N PRO B 333 -5.20 -21.45 21.16
CA PRO B 333 -5.81 -21.62 22.49
C PRO B 333 -7.31 -21.98 22.58
N HIS B 334 -8.15 -21.35 21.78
CA HIS B 334 -9.59 -21.65 21.92
C HIS B 334 -10.20 -22.26 20.65
N ALA B 335 -9.42 -23.12 20.00
CA ALA B 335 -9.83 -23.73 18.75
C ALA B 335 -9.67 -25.24 18.87
N GLU B 336 -10.64 -25.94 18.32
CA GLU B 336 -10.62 -27.38 18.31
C GLU B 336 -10.79 -27.88 16.89
N TYR B 337 -10.08 -28.95 16.57
CA TYR B 337 -10.09 -29.51 15.24
C TYR B 337 -11.44 -30.06 14.87
N ASP B 338 -11.74 -30.05 13.58
CA ASP B 338 -12.85 -30.81 13.00
C ASP B 338 -14.22 -30.34 13.47
N HIS B 339 -14.57 -29.10 13.09
CA HIS B 339 -15.89 -28.57 13.41
C HIS B 339 -16.93 -28.78 12.31
N ASP B 340 -17.90 -29.64 12.58
CA ASP B 340 -18.97 -29.95 11.63
C ASP B 340 -20.12 -28.96 11.78
N PHE B 341 -20.28 -28.06 10.80
CA PHE B 341 -21.34 -27.06 10.84
C PHE B 341 -22.75 -27.65 10.66
N ALA B 342 -22.84 -28.82 10.03
CA ALA B 342 -24.11 -29.54 9.93
C ALA B 342 -24.58 -30.12 11.27
N GLU B 343 -23.65 -30.49 12.14
CA GLU B 343 -24.00 -30.91 13.50
C GLU B 343 -24.05 -29.74 14.48
N TYR B 344 -23.12 -28.80 14.35
CA TYR B 344 -23.03 -27.65 15.27
C TYR B 344 -23.05 -26.32 14.53
N PRO B 345 -24.26 -25.76 14.29
CA PRO B 345 -24.40 -24.45 13.65
C PRO B 345 -23.58 -23.39 14.38
N LEU B 346 -23.21 -22.33 13.67
CA LEU B 346 -22.51 -21.21 14.26
C LEU B 346 -23.31 -20.60 15.41
N ASN B 347 -24.61 -20.49 15.20
CA ASN B 347 -25.48 -19.89 16.19
C ASN B 347 -26.22 -20.96 17.03
N ASP B 348 -25.46 -21.73 17.79
CA ASP B 348 -26.03 -22.79 18.62
C ASP B 348 -25.41 -22.76 20.01
N ASN B 349 -26.21 -23.14 21.01
CA ASN B 349 -25.83 -23.08 22.42
C ASN B 349 -24.62 -23.96 22.81
N ASN B 350 -24.38 -25.04 22.06
CA ASN B 350 -23.32 -25.98 22.41
C ASN B 350 -21.93 -25.35 22.53
N SER B 351 -21.03 -26.02 23.25
CA SER B 351 -19.75 -25.44 23.61
C SER B 351 -18.74 -25.34 22.46
N ARG B 352 -18.84 -26.25 21.48
CA ARG B 352 -17.96 -26.18 20.31
C ARG B 352 -18.29 -24.96 19.46
N SER B 353 -19.58 -24.72 19.27
CA SER B 353 -20.04 -23.55 18.52
C SER B 353 -19.65 -22.22 19.17
N LYS B 354 -19.70 -22.14 20.49
CA LYS B 354 -19.37 -20.91 21.20
C LYS B 354 -17.92 -20.49 21.01
N LEU B 355 -17.02 -21.46 20.84
CA LEU B 355 -15.62 -21.17 20.60
C LEU B 355 -15.41 -20.39 19.31
N LEU B 356 -16.34 -20.55 18.37
CA LEU B 356 -16.20 -19.94 17.04
C LEU B 356 -16.39 -18.43 17.05
N HIS B 357 -16.83 -17.91 18.19
CA HIS B 357 -17.14 -16.49 18.30
C HIS B 357 -15.98 -15.70 18.90
N ARG B 358 -14.94 -16.40 19.35
CA ARG B 358 -13.72 -15.72 19.81
C ARG B 358 -12.86 -15.39 18.61
N ARG B 359 -12.28 -14.19 18.58
CA ARG B 359 -11.25 -13.91 17.57
C ARG B 359 -10.04 -14.78 17.91
N ILE B 360 -9.61 -15.57 16.93
CA ILE B 360 -8.53 -16.51 17.13
C ILE B 360 -7.25 -16.03 16.45
N ASP B 361 -6.29 -15.62 17.26
CA ASP B 361 -5.01 -15.14 16.75
C ASP B 361 -4.08 -16.30 16.44
N VAL B 362 -3.29 -16.13 15.38
CA VAL B 362 -2.41 -17.20 14.88
C VAL B 362 -0.95 -16.77 14.73
N ASP B 363 -0.07 -17.74 14.57
CA ASP B 363 1.34 -17.49 14.35
C ASP B 363 1.67 -17.63 12.86
N TYR B 364 0.81 -18.35 12.13
CA TYR B 364 1.03 -18.68 10.73
C TYR B 364 -0.22 -19.29 10.10
N ASN B 365 -0.28 -19.28 8.77
CA ASN B 365 -1.29 -20.01 8.02
C ASN B 365 -0.63 -21.00 7.06
N GLY B 366 -1.24 -22.18 6.91
CA GLY B 366 -0.80 -23.16 5.92
C GLY B 366 -0.87 -22.63 4.50
N TRP B 367 -0.20 -23.32 3.58
CA TRP B 367 -0.02 -22.80 2.22
C TRP B 367 -1.02 -23.31 1.18
N TRP B 368 -2.14 -23.83 1.64
CA TRP B 368 -3.29 -24.14 0.79
C TRP B 368 -4.02 -22.88 0.34
N THR B 369 -3.92 -21.82 1.14
CA THR B 369 -4.34 -20.47 0.77
C THR B 369 -3.64 -19.46 1.68
N CYS B 370 -2.70 -18.71 1.12
CA CYS B 370 -1.95 -17.74 1.90
C CYS B 370 -1.48 -16.59 1.01
N MET B 371 -1.91 -15.39 1.37
CA MET B 371 -1.57 -14.20 0.60
C MET B 371 -0.46 -13.43 1.27
N ILE B 372 0.61 -13.22 0.52
CA ILE B 372 1.79 -12.49 0.98
C ILE B 372 1.93 -11.26 0.09
N PRO B 373 1.99 -10.06 0.71
CA PRO B 373 2.26 -8.83 -0.03
C PRO B 373 3.63 -8.90 -0.69
N ARG B 374 3.78 -8.27 -1.86
CA ARG B 374 5.02 -8.27 -2.60
C ARG B 374 6.21 -7.71 -1.78
N GLN B 375 6.03 -6.54 -1.15
CA GLN B 375 7.11 -5.92 -0.37
C GLN B 375 7.60 -6.80 0.79
N VAL B 376 6.70 -7.59 1.35
CA VAL B 376 7.02 -8.49 2.47
C VAL B 376 7.87 -9.67 1.98
N ALA B 377 7.46 -10.29 0.88
CA ALA B 377 8.27 -11.33 0.23
C ALA B 377 9.68 -10.83 -0.10
N GLU B 378 9.78 -9.62 -0.64
CA GLU B 378 11.06 -9.03 -1.00
C GLU B 378 11.96 -8.87 0.22
N GLU B 379 11.39 -8.39 1.32
CA GLU B 379 12.14 -8.16 2.53
C GLU B 379 12.56 -9.47 3.23
N LEU B 380 11.61 -10.37 3.45
CA LEU B 380 11.86 -11.62 4.18
C LEU B 380 12.68 -12.65 3.41
N GLY B 381 12.58 -12.62 2.09
CA GLY B 381 13.25 -13.60 1.24
C GLY B 381 12.45 -14.87 1.06
N GLN B 382 13.12 -15.90 0.54
CA GLN B 382 12.50 -17.18 0.20
C GLN B 382 12.19 -18.04 1.42
N PRO B 383 11.31 -19.05 1.25
CA PRO B 383 11.09 -20.10 2.26
C PRO B 383 12.36 -20.90 2.54
N LEU B 384 12.44 -21.47 3.74
CA LEU B 384 13.58 -22.31 4.13
C LEU B 384 13.59 -23.61 3.33
N PRO B 385 14.79 -24.11 2.98
CA PRO B 385 14.89 -25.34 2.19
C PRO B 385 14.63 -26.60 3.04
N LEU B 386 13.45 -26.67 3.63
CA LEU B 386 12.97 -27.89 4.25
C LEU B 386 12.29 -28.64 3.11
N PHE B 387 12.00 -29.91 3.25
CA PHE B 387 11.32 -30.58 2.13
C PHE B 387 9.80 -30.36 2.24
N ILE B 388 9.23 -30.93 3.30
CA ILE B 388 7.85 -30.66 3.72
C ILE B 388 7.86 -30.35 5.20
N LYS B 389 6.79 -29.70 5.66
CA LYS B 389 6.57 -29.45 7.09
C LYS B 389 7.41 -28.32 7.65
N TRP B 390 6.74 -27.42 8.37
CA TRP B 390 7.36 -26.32 9.11
C TRP B 390 7.80 -25.13 8.27
N ASP B 391 7.80 -25.26 6.95
CA ASP B 391 8.18 -24.14 6.11
C ASP B 391 7.19 -22.97 6.22
N ASP B 392 5.90 -23.31 6.32
CA ASP B 392 4.84 -22.31 6.54
C ASP B 392 4.90 -21.66 7.93
N ALA B 393 5.18 -22.46 8.96
CA ALA B 393 5.29 -21.93 10.32
C ALA B 393 6.48 -20.97 10.41
N ASP B 394 7.62 -21.38 9.86
CA ASP B 394 8.82 -20.55 9.85
C ASP B 394 8.56 -19.21 9.17
N TYR B 395 7.84 -19.25 8.05
CA TYR B 395 7.60 -18.02 7.30
C TYR B 395 6.72 -17.05 8.10
N GLY B 396 5.70 -17.61 8.75
CA GLY B 396 4.82 -16.83 9.62
C GLY B 396 5.57 -16.21 10.80
N LEU B 397 6.44 -16.99 11.43
CA LEU B 397 7.24 -16.49 12.54
C LEU B 397 8.26 -15.43 12.10
N ARG B 398 8.89 -15.68 10.94
CA ARG B 398 9.85 -14.73 10.38
C ARG B 398 9.15 -13.42 10.10
N ALA B 399 7.95 -13.51 9.55
CA ALA B 399 7.18 -12.33 9.19
C ALA B 399 6.91 -11.48 10.43
N ALA B 400 6.45 -12.11 11.50
CA ALA B 400 6.14 -11.41 12.75
C ALA B 400 7.37 -10.73 13.36
N GLU B 401 8.55 -11.32 13.16
CA GLU B 401 9.80 -10.74 13.68
C GLU B 401 10.13 -9.41 13.02
N HIS B 402 9.64 -9.25 11.78
CA HIS B 402 9.81 -8.03 11.03
C HIS B 402 8.58 -7.12 11.13
N GLY B 403 7.60 -7.52 11.94
CA GLY B 403 6.41 -6.71 12.21
C GLY B 403 5.28 -6.92 11.22
N TYR B 404 5.27 -8.07 10.56
CA TYR B 404 4.19 -8.45 9.66
C TYR B 404 3.39 -9.62 10.25
N PRO B 405 2.19 -9.34 10.79
CA PRO B 405 1.44 -10.41 11.42
C PRO B 405 0.71 -11.30 10.42
N THR B 406 0.17 -12.43 10.88
CA THR B 406 -0.65 -13.30 10.05
C THR B 406 -2.09 -13.35 10.55
N VAL B 407 -3.04 -13.34 9.61
CA VAL B 407 -4.43 -13.59 9.96
C VAL B 407 -4.95 -14.82 9.21
N THR B 408 -5.72 -15.63 9.92
CA THR B 408 -6.46 -16.70 9.31
C THR B 408 -7.90 -16.21 9.35
N LEU B 409 -8.46 -16.00 8.17
CA LEU B 409 -9.75 -15.37 8.03
C LEU B 409 -10.88 -16.39 7.97
N PRO B 410 -11.75 -16.41 9.00
CA PRO B 410 -12.92 -17.30 8.95
C PRO B 410 -13.86 -16.92 7.81
N GLY B 411 -14.44 -17.92 7.15
CA GLY B 411 -15.35 -17.69 6.02
C GLY B 411 -14.65 -17.66 4.67
N ALA B 412 -13.33 -17.54 4.68
CA ALA B 412 -12.54 -17.64 3.47
C ALA B 412 -11.84 -19.01 3.51
N ALA B 413 -12.30 -19.92 2.67
CA ALA B 413 -11.91 -21.31 2.78
C ALA B 413 -11.81 -22.01 1.43
N ILE B 414 -10.95 -23.02 1.38
CA ILE B 414 -10.99 -24.00 0.33
C ILE B 414 -11.19 -25.37 0.94
N TRP B 415 -11.47 -26.35 0.10
CA TRP B 415 -11.57 -27.73 0.53
C TRP B 415 -10.25 -28.40 0.20
N HIS B 416 -9.69 -29.06 1.20
CA HIS B 416 -8.43 -29.76 1.03
C HIS B 416 -8.46 -31.01 1.85
N MET B 417 -7.74 -32.02 1.37
CA MET B 417 -7.46 -33.23 2.11
C MET B 417 -6.98 -32.85 3.51
N ALA B 418 -7.73 -33.27 4.52
CA ALA B 418 -7.31 -33.02 5.89
C ALA B 418 -6.57 -34.25 6.35
N TRP B 419 -6.72 -34.61 7.62
CA TRP B 419 -6.15 -35.86 8.08
C TRP B 419 -7.23 -36.80 8.59
N SER B 420 -8.33 -36.89 7.85
CA SER B 420 -9.45 -37.78 8.17
C SER B 420 -8.99 -39.24 8.35
N ASP B 421 -8.28 -39.47 9.46
CA ASP B 421 -7.73 -40.78 9.87
C ASP B 421 -6.95 -41.56 8.78
N LYS B 422 -6.59 -40.87 7.70
CA LYS B 422 -5.87 -41.46 6.56
C LYS B 422 -4.34 -41.33 6.71
N ASP B 423 -3.91 -40.41 7.56
CA ASP B 423 -2.48 -40.11 7.75
C ASP B 423 -1.88 -40.74 9.00
N ASP B 424 -0.55 -40.70 9.09
CA ASP B 424 0.16 -40.98 10.34
C ASP B 424 1.49 -40.21 10.45
N ALA B 425 1.92 -39.97 11.68
CA ALA B 425 3.21 -39.33 11.94
C ALA B 425 4.26 -40.39 12.32
N ILE B 426 4.19 -41.54 11.67
CA ILE B 426 5.12 -42.65 11.89
C ILE B 426 5.90 -43.07 10.65
N ASP B 427 5.43 -42.68 9.47
CA ASP B 427 6.10 -43.05 8.22
C ASP B 427 7.25 -42.09 7.90
N TRP B 428 7.65 -42.03 6.63
CA TRP B 428 8.79 -41.21 6.21
C TRP B 428 8.70 -39.74 6.62
N GLN B 429 7.48 -39.24 6.76
CA GLN B 429 7.24 -37.85 7.14
C GLN B 429 7.75 -37.51 8.53
N ALA B 430 7.83 -38.52 9.41
CA ALA B 430 8.25 -38.31 10.79
C ALA B 430 9.67 -37.73 10.86
N TYR B 431 10.48 -38.06 9.86
CA TYR B 431 11.84 -37.51 9.74
C TYR B 431 11.80 -36.00 9.53
N PHE B 432 10.92 -35.55 8.63
CA PHE B 432 10.82 -34.13 8.33
C PHE B 432 10.17 -33.36 9.46
N HIS B 433 9.12 -33.93 10.07
CA HIS B 433 8.49 -33.33 11.24
C HIS B 433 9.54 -32.93 12.26
N LEU B 434 10.36 -33.90 12.70
CA LEU B 434 11.33 -33.65 13.75
C LEU B 434 12.48 -32.73 13.32
N ARG B 435 13.12 -33.08 12.21
CA ARG B 435 14.27 -32.31 11.73
C ARG B 435 13.88 -30.85 11.56
N ASN B 436 12.77 -30.61 10.86
CA ASN B 436 12.34 -29.26 10.54
C ASN B 436 11.87 -28.49 11.77
N ARG B 437 11.23 -29.21 12.70
CA ARG B 437 10.88 -28.65 14.00
C ARG B 437 12.12 -28.11 14.69
N LEU B 438 13.21 -28.88 14.64
CA LEU B 438 14.45 -28.50 15.30
C LEU B 438 15.14 -27.33 14.61
N VAL B 439 15.09 -27.31 13.28
CA VAL B 439 15.64 -26.21 12.48
C VAL B 439 14.91 -24.90 12.79
N VAL B 440 13.59 -24.99 12.86
CA VAL B 440 12.75 -23.81 13.05
C VAL B 440 12.84 -23.32 14.49
N ALA B 441 12.87 -24.26 15.44
CA ALA B 441 13.15 -23.92 16.84
C ALA B 441 14.48 -23.16 16.95
N ALA B 442 15.53 -23.70 16.34
CA ALA B 442 16.83 -23.06 16.42
C ALA B 442 16.78 -21.64 15.84
N MET B 443 15.97 -21.49 14.80
CA MET B 443 15.79 -20.24 14.07
C MET B 443 14.99 -19.17 14.84
N HIS B 444 14.07 -19.59 15.71
CA HIS B 444 13.14 -18.66 16.37
C HIS B 444 13.07 -18.68 17.90
N TRP B 445 13.68 -19.68 18.54
CA TRP B 445 13.52 -19.95 19.99
C TRP B 445 13.25 -18.71 20.86
N ASP B 446 14.24 -17.82 20.91
CA ASP B 446 14.12 -16.50 21.58
C ASP B 446 14.01 -16.55 23.11
N GLY B 447 13.14 -17.43 23.61
CA GLY B 447 12.86 -17.52 25.04
C GLY B 447 13.96 -18.19 25.84
N PRO B 448 13.72 -18.41 27.15
CA PRO B 448 14.62 -19.10 28.08
C PRO B 448 15.39 -20.28 27.44
N LYS B 449 16.69 -20.35 27.74
CA LYS B 449 17.59 -21.32 27.14
C LYS B 449 17.33 -22.75 27.61
N ALA B 450 17.23 -22.93 28.93
CA ALA B 450 17.01 -24.24 29.55
C ALA B 450 15.64 -24.84 29.23
N GLN B 451 14.77 -24.04 28.59
CA GLN B 451 13.43 -24.47 28.19
C GLN B 451 13.46 -25.51 27.07
N VAL B 452 14.64 -25.78 26.53
CA VAL B 452 14.80 -26.77 25.46
C VAL B 452 14.66 -28.21 26.00
N ILE B 453 14.77 -28.37 27.31
CA ILE B 453 14.50 -29.64 27.98
C ILE B 453 13.06 -30.10 27.70
N GLY B 454 12.14 -29.14 27.70
CA GLY B 454 10.72 -29.39 27.40
C GLY B 454 10.46 -30.07 26.07
N LEU B 455 11.24 -29.70 25.05
CA LEU B 455 11.15 -30.31 23.72
C LEU B 455 11.74 -31.72 23.72
N VAL B 456 12.85 -31.89 24.44
CA VAL B 456 13.55 -33.17 24.54
C VAL B 456 12.71 -34.16 25.33
N ARG B 457 12.09 -33.68 26.41
CA ARG B 457 11.13 -34.45 27.21
C ARG B 457 9.94 -34.90 26.36
N SER B 458 9.46 -34.01 25.48
CA SER B 458 8.37 -34.32 24.53
C SER B 458 8.74 -35.44 23.59
N HIS B 459 9.99 -35.44 23.13
CA HIS B 459 10.48 -36.40 22.16
C HIS B 459 10.75 -37.75 22.82
N LEU B 460 11.26 -37.73 24.05
CA LEU B 460 11.51 -38.94 24.83
C LEU B 460 10.23 -39.74 25.09
N LYS B 461 9.14 -39.04 25.44
CA LYS B 461 7.84 -39.67 25.61
C LYS B 461 7.36 -40.29 24.29
N ALA B 462 7.50 -39.54 23.20
CA ALA B 462 7.14 -40.03 21.87
C ALA B 462 7.97 -41.25 21.46
N THR B 463 9.27 -41.22 21.76
CA THR B 463 10.19 -42.28 21.37
C THR B 463 9.85 -43.59 22.06
N LEU B 464 9.59 -43.50 23.37
CA LEU B 464 9.20 -44.65 24.17
C LEU B 464 7.86 -45.22 23.71
N LYS B 465 6.97 -44.34 23.29
CA LYS B 465 5.67 -44.75 22.76
C LYS B 465 5.81 -45.43 21.40
N HIS B 466 6.72 -44.96 20.55
CA HIS B 466 6.97 -45.58 19.25
C HIS B 466 7.52 -47.00 19.41
N LEU B 467 8.47 -47.15 20.32
CA LEU B 467 9.07 -48.45 20.60
C LEU B 467 8.07 -49.44 21.21
N ALA B 468 7.23 -48.95 22.11
CA ALA B 468 6.16 -49.77 22.71
C ALA B 468 5.12 -50.21 21.67
N CYS B 469 4.93 -49.37 20.65
CA CYS B 469 4.04 -49.72 19.54
C CYS B 469 4.77 -50.49 18.43
N LEU B 470 6.05 -50.80 18.66
CA LEU B 470 6.90 -51.55 17.72
C LEU B 470 7.21 -50.77 16.45
N GLU B 471 7.12 -49.44 16.53
CA GLU B 471 7.39 -48.59 15.39
C GLU B 471 8.88 -48.22 15.36
N TYR B 472 9.71 -49.23 15.08
CA TYR B 472 11.18 -49.09 15.12
C TYR B 472 11.77 -48.17 14.04
N SER B 473 11.27 -48.29 12.81
CA SER B 473 11.75 -47.45 11.69
C SER B 473 11.55 -45.97 11.98
N THR B 474 10.44 -45.65 12.68
CA THR B 474 10.12 -44.28 13.08
C THR B 474 11.25 -43.72 13.94
N VAL B 475 11.75 -44.53 14.88
CA VAL B 475 12.82 -44.09 15.78
C VAL B 475 14.15 -43.94 15.04
N ALA B 476 14.44 -44.89 14.15
CA ALA B 476 15.67 -44.84 13.35
C ALA B 476 15.76 -43.57 12.50
N ILE B 477 14.67 -43.21 11.82
CA ILE B 477 14.67 -42.01 10.97
C ILE B 477 14.61 -40.71 11.77
N GLN B 478 14.07 -40.79 12.99
CA GLN B 478 14.08 -39.64 13.88
C GLN B 478 15.48 -39.39 14.45
N ASN B 479 16.27 -40.47 14.58
CA ASN B 479 17.69 -40.34 14.93
C ASN B 479 18.46 -39.65 13.80
N LYS B 480 18.19 -40.08 12.57
CA LYS B 480 18.78 -39.46 11.39
C LYS B 480 18.42 -37.97 11.34
N ALA B 481 17.18 -37.66 11.68
CA ALA B 481 16.67 -36.29 11.68
C ALA B 481 17.54 -35.38 12.54
N ILE B 482 17.80 -35.83 13.76
CA ILE B 482 18.63 -35.08 14.71
C ILE B 482 20.06 -34.91 14.19
N ASP B 483 20.62 -35.98 13.64
CA ASP B 483 21.94 -35.94 13.02
C ASP B 483 21.98 -34.87 11.93
N ASP B 484 21.00 -34.90 11.02
CA ASP B 484 20.98 -33.95 9.92
C ASP B 484 20.80 -32.51 10.41
N PHE B 485 19.91 -32.30 11.37
CA PHE B 485 19.80 -31.00 12.05
C PHE B 485 21.15 -30.55 12.65
N LEU B 486 21.80 -31.44 13.40
CA LEU B 486 23.07 -31.10 14.07
C LEU B 486 24.23 -30.77 13.13
N ALA B 487 24.20 -31.36 11.93
CA ALA B 487 25.21 -31.10 10.90
C ALA B 487 25.15 -29.68 10.32
N GLY B 488 24.02 -29.00 10.52
CA GLY B 488 23.94 -27.58 10.24
C GLY B 488 23.16 -27.17 9.00
N PRO B 489 22.99 -25.86 8.81
CA PRO B 489 22.14 -25.29 7.75
C PRO B 489 22.63 -25.57 6.34
N GLU B 490 23.95 -25.56 6.14
CA GLU B 490 24.50 -25.82 4.82
C GLU B 490 24.24 -27.27 4.41
N HIS B 491 24.39 -28.19 5.36
CA HIS B 491 24.04 -29.59 5.14
C HIS B 491 22.54 -29.76 4.86
N ILE B 492 21.68 -29.08 5.62
CA ILE B 492 20.24 -29.12 5.41
C ILE B 492 19.91 -28.78 3.95
N PHE B 493 20.47 -27.67 3.47
CA PHE B 493 20.26 -27.22 2.10
C PHE B 493 20.71 -28.25 1.07
N SER B 494 21.87 -28.86 1.31
CA SER B 494 22.45 -29.83 0.36
C SER B 494 21.61 -31.09 0.21
N ILE B 495 20.80 -31.42 1.22
CA ILE B 495 19.93 -32.61 1.17
C ILE B 495 18.48 -32.29 0.81
N LEU B 496 18.25 -31.11 0.24
CA LEU B 496 16.89 -30.70 -0.13
C LEU B 496 16.17 -31.80 -0.92
N GLU B 497 16.84 -32.33 -1.93
CA GLU B 497 16.28 -33.37 -2.77
C GLU B 497 16.62 -34.76 -2.27
N SER B 498 17.85 -34.96 -1.76
CA SER B 498 18.36 -36.30 -1.46
C SER B 498 17.86 -36.92 -0.15
N ALA B 499 17.31 -36.09 0.75
CA ALA B 499 16.79 -36.57 2.05
C ALA B 499 15.69 -37.64 1.96
N LEU B 500 14.70 -37.41 1.09
CA LEU B 500 13.62 -38.37 0.87
C LEU B 500 14.13 -39.77 0.48
N PRO B 501 14.97 -39.88 -0.59
CA PRO B 501 15.51 -41.19 -0.94
C PRO B 501 16.32 -41.85 0.17
N GLN B 502 17.00 -41.05 0.98
CA GLN B 502 17.81 -41.57 2.07
C GLN B 502 16.92 -42.12 3.19
N VAL B 503 15.81 -41.44 3.44
CA VAL B 503 14.86 -41.87 4.48
C VAL B 503 14.20 -43.19 4.08
N HIS B 504 13.85 -43.34 2.81
CA HIS B 504 13.30 -44.59 2.30
C HIS B 504 14.27 -45.76 2.38
N ARG B 505 15.54 -45.52 2.05
CA ARG B 505 16.55 -46.57 2.12
C ARG B 505 16.68 -47.15 3.53
N ILE B 506 16.55 -46.28 4.53
CA ILE B 506 16.59 -46.71 5.93
C ILE B 506 15.37 -47.56 6.28
N ARG B 507 14.19 -47.13 5.83
CA ARG B 507 12.94 -47.77 6.19
C ARG B 507 12.79 -49.18 5.61
N LYS B 508 13.39 -49.42 4.44
CA LYS B 508 13.27 -50.71 3.74
C LYS B 508 13.84 -51.91 4.51
N SER B 509 14.65 -51.66 5.52
CA SER B 509 15.25 -52.73 6.31
C SER B 509 14.47 -53.03 7.60
N TYR B 510 13.43 -52.24 7.84
CA TYR B 510 12.57 -52.45 9.01
C TYR B 510 11.24 -53.04 8.58
N PRO B 511 10.85 -54.17 9.18
CA PRO B 511 9.56 -54.80 8.85
C PRO B 511 8.34 -53.91 9.17
N ASP B 512 8.42 -53.10 10.23
CA ASP B 512 7.33 -52.18 10.58
C ASP B 512 7.03 -51.13 9.49
N ALA B 513 7.89 -51.09 8.48
CA ALA B 513 7.80 -50.10 7.41
C ALA B 513 7.60 -50.72 6.02
N VAL B 514 7.61 -52.06 5.93
CA VAL B 514 7.39 -52.70 4.64
C VAL B 514 5.91 -53.06 4.49
N VAL B 515 5.25 -52.34 3.58
CA VAL B 515 3.81 -52.45 3.37
C VAL B 515 3.47 -53.62 2.44
N LEU B 516 2.62 -54.51 2.93
CA LEU B 516 2.12 -55.64 2.17
C LEU B 516 0.65 -55.37 1.85
N PRO B 517 0.15 -55.91 0.71
CA PRO B 517 -1.22 -55.57 0.30
C PRO B 517 -2.29 -55.94 1.32
N ALA B 518 -2.13 -57.09 2.00
CA ALA B 518 -3.17 -57.60 2.91
C ALA B 518 -2.60 -58.54 3.96
N ALA B 519 -3.29 -58.62 5.10
CA ALA B 519 -2.89 -59.56 6.16
C ALA B 519 -2.92 -61.02 5.67
N SER B 520 -3.76 -61.27 4.67
CA SER B 520 -3.93 -62.60 4.07
C SER B 520 -2.79 -62.99 3.13
N GLU B 521 -1.76 -62.15 3.06
CA GLU B 521 -0.52 -62.48 2.34
C GLU B 521 0.42 -63.22 3.27
N LEU B 522 0.26 -62.99 4.57
CA LEU B 522 1.04 -63.68 5.59
C LEU B 522 0.24 -64.86 6.15
N PRO B 523 0.92 -65.79 6.87
CA PRO B 523 0.19 -66.90 7.50
C PRO B 523 -0.85 -66.42 8.51
N PRO B 524 -2.00 -67.11 8.60
CA PRO B 524 -3.10 -66.75 9.51
C PRO B 524 -2.60 -66.54 10.95
N PRO B 525 -3.24 -65.60 11.71
CA PRO B 525 -2.72 -65.24 13.03
C PRO B 525 -2.90 -66.38 14.04
N LEU B 526 -2.02 -66.41 15.04
CA LEU B 526 -2.08 -67.46 16.07
C LEU B 526 -3.34 -67.31 16.93
N HIS B 527 -3.64 -66.06 17.29
CA HIS B 527 -4.82 -65.75 18.09
C HIS B 527 -5.84 -64.91 17.32
N LYS B 528 -7.12 -65.12 17.62
CA LYS B 528 -8.16 -64.22 17.14
C LYS B 528 -8.17 -63.02 18.09
N ASN B 529 -8.73 -61.91 17.62
CA ASN B 529 -8.77 -60.69 18.41
C ASN B 529 -9.86 -60.64 19.45
N LYS B 530 -9.52 -60.02 20.58
CA LYS B 530 -10.48 -59.66 21.61
C LYS B 530 -10.59 -58.14 21.62
N ALA B 531 -11.81 -57.63 21.80
CA ALA B 531 -12.03 -56.19 21.93
C ALA B 531 -11.45 -55.67 23.25
N MET B 532 -10.39 -54.86 23.15
CA MET B 532 -9.76 -54.28 24.32
C MET B 532 -10.23 -52.84 24.57
N LYS B 533 -10.69 -52.57 25.79
CA LYS B 533 -11.16 -51.24 26.19
C LYS B 533 -9.99 -50.29 26.43
N PRO B 534 -10.08 -49.04 25.92
CA PRO B 534 -9.09 -48.02 26.22
C PRO B 534 -9.07 -47.72 27.72
N PRO B 535 -7.90 -47.87 28.37
CA PRO B 535 -7.76 -47.76 29.83
C PRO B 535 -8.03 -46.34 30.35
N VAL B 536 -9.11 -46.18 31.11
CA VAL B 536 -9.49 -44.87 31.65
C VAL B 536 -9.04 -44.73 33.10
N ASN B 537 -9.38 -45.71 33.94
CA ASN B 537 -8.97 -45.73 35.35
C ASN B 537 -7.45 -45.71 35.51
N PRO B 538 -6.93 -44.83 36.37
CA PRO B 538 -5.47 -44.65 36.53
C PRO B 538 -4.74 -45.94 36.94
N LEU B 539 -5.41 -46.79 37.72
CA LEU B 539 -4.82 -48.05 38.16
C LEU B 539 -4.66 -49.01 37.00
N VAL B 540 -5.65 -49.05 36.12
CA VAL B 540 -5.62 -49.87 34.91
C VAL B 540 -4.49 -49.40 33.98
N ILE B 541 -4.36 -48.08 33.80
CA ILE B 541 -3.28 -47.50 33.02
C ILE B 541 -1.93 -48.00 33.52
N GLY B 542 -1.75 -47.99 34.84
CA GLY B 542 -0.54 -48.46 35.50
C GLY B 542 -0.26 -49.95 35.31
N TYR B 543 -1.31 -50.76 35.39
CA TYR B 543 -1.19 -52.21 35.16
C TYR B 543 -0.72 -52.52 33.74
N ARG B 544 -1.42 -52.01 32.73
CA ARG B 544 -1.03 -52.16 31.33
C ARG B 544 0.39 -51.65 31.09
N LEU B 545 0.73 -50.56 31.75
CA LEU B 545 2.05 -49.95 31.67
C LEU B 545 3.13 -50.89 32.22
N ALA B 546 2.91 -51.42 33.42
CA ALA B 546 3.86 -52.31 34.08
C ALA B 546 3.95 -53.66 33.37
N ARG B 547 2.81 -54.17 32.90
CA ARG B 547 2.75 -55.40 32.14
C ARG B 547 3.47 -55.25 30.79
N GLY B 548 3.49 -54.03 30.26
CA GLY B 548 4.24 -53.71 29.05
C GLY B 548 5.75 -53.67 29.23
N ILE B 549 6.19 -53.10 30.36
CA ILE B 549 7.63 -53.03 30.69
C ILE B 549 8.22 -54.42 30.91
N MET B 550 7.51 -55.28 31.63
CA MET B 550 7.97 -56.63 31.91
C MET B 550 8.18 -57.41 30.61
N HIS B 551 7.21 -57.36 29.72
CA HIS B 551 7.31 -58.06 28.44
C HIS B 551 8.51 -57.60 27.60
N ASN B 552 8.80 -56.30 27.64
CA ASN B 552 9.90 -55.75 26.86
C ASN B 552 11.29 -56.08 27.41
N LEU B 553 11.35 -56.47 28.67
CA LEU B 553 12.60 -56.92 29.30
C LEU B 553 12.92 -58.39 28.97
N THR B 554 12.00 -59.07 28.28
CA THR B 554 12.18 -60.48 27.89
C THR B 554 12.59 -60.62 26.43
N ALA B 555 13.23 -61.74 26.10
CA ALA B 555 13.62 -62.07 24.74
C ALA B 555 12.39 -62.45 23.91
N ALA B 556 12.40 -62.04 22.64
CA ALA B 556 11.27 -62.30 21.74
C ALA B 556 11.40 -63.63 21.01
N ASN B 557 10.28 -64.33 20.91
CA ASN B 557 10.21 -65.62 20.22
C ASN B 557 10.18 -65.44 18.70
N PRO B 558 11.22 -65.94 17.99
CA PRO B 558 11.30 -65.82 16.53
C PRO B 558 10.16 -66.47 15.75
N GLN B 559 9.39 -67.36 16.40
CA GLN B 559 8.20 -67.95 15.79
C GLN B 559 7.16 -66.89 15.43
N HIS B 560 7.07 -65.85 16.24
CA HIS B 560 6.08 -64.81 16.05
C HIS B 560 6.51 -63.75 15.03
N HIS B 561 7.75 -63.89 14.53
CA HIS B 561 8.21 -63.11 13.38
C HIS B 561 7.96 -63.84 12.06
N ARG B 562 7.55 -65.11 12.15
CA ARG B 562 7.19 -65.90 10.97
C ARG B 562 5.69 -65.90 10.82
N ARG B 563 4.99 -66.28 11.89
CA ARG B 563 3.55 -66.27 11.95
C ARG B 563 3.11 -65.20 12.95
N PRO B 564 2.31 -64.21 12.48
CA PRO B 564 1.87 -63.14 13.37
C PRO B 564 0.98 -63.66 14.49
N GLU B 565 1.07 -63.05 15.66
CA GLU B 565 0.21 -63.43 16.76
C GLU B 565 -1.21 -62.90 16.54
N PHE B 566 -1.30 -61.68 16.05
CA PHE B 566 -2.57 -61.02 15.83
C PHE B 566 -2.61 -60.36 14.45
N ASN B 567 -3.81 -60.12 13.95
CA ASN B 567 -4.05 -59.14 12.88
C ASN B 567 -4.77 -57.97 13.54
N VAL B 568 -4.03 -56.89 13.79
CA VAL B 568 -4.55 -55.74 14.51
C VAL B 568 -5.01 -54.64 13.54
N PRO B 569 -6.31 -54.28 13.59
CA PRO B 569 -6.82 -53.12 12.84
C PRO B 569 -6.18 -51.82 13.32
N THR B 570 -6.14 -50.82 12.45
CA THR B 570 -5.49 -49.53 12.77
C THR B 570 -6.10 -48.91 14.02
N GLN B 571 -7.42 -48.99 14.13
CA GLN B 571 -8.15 -48.36 15.25
C GLN B 571 -7.81 -48.98 16.61
N ASP B 572 -7.46 -50.26 16.62
CA ASP B 572 -7.10 -50.95 17.86
C ASP B 572 -5.59 -50.96 18.12
N ALA B 573 -4.81 -50.49 17.14
CA ALA B 573 -3.34 -50.56 17.20
C ALA B 573 -2.73 -49.49 18.12
N ARG B 574 -2.93 -49.66 19.41
CA ARG B 574 -2.45 -48.69 20.38
C ARG B 574 -1.54 -49.34 21.41
N TRP B 575 -0.73 -48.51 22.09
CA TRP B 575 0.34 -48.99 22.97
C TRP B 575 -0.03 -50.13 23.93
N PHE B 576 -1.17 -50.00 24.61
CA PHE B 576 -1.60 -50.98 25.64
C PHE B 576 -1.89 -52.38 25.09
N LEU B 577 -2.21 -52.47 23.79
CA LEU B 577 -2.38 -53.76 23.14
C LEU B 577 -1.05 -54.28 22.61
N LEU B 578 -0.29 -53.41 21.97
CA LEU B 578 0.92 -53.81 21.24
C LEU B 578 2.13 -54.10 22.14
N CYS B 579 2.12 -53.58 23.35
CA CYS B 579 3.27 -53.73 24.25
C CYS B 579 3.44 -55.16 24.81
N THR B 580 2.45 -56.02 24.64
CA THR B 580 2.53 -57.40 25.13
C THR B 580 2.63 -58.44 24.00
N VAL B 581 3.05 -58.01 22.81
CA VAL B 581 3.22 -58.92 21.66
C VAL B 581 4.68 -59.01 21.18
N ASP B 582 4.98 -60.09 20.46
CA ASP B 582 6.29 -60.27 19.81
C ASP B 582 6.24 -60.01 18.31
N GLY B 583 5.09 -60.30 17.71
CA GLY B 583 4.89 -60.10 16.29
C GLY B 583 3.41 -60.00 15.99
N ALA B 584 3.05 -59.04 15.14
CA ALA B 584 1.66 -58.80 14.76
C ALA B 584 1.61 -57.95 13.48
N THR B 585 0.55 -58.12 12.69
CA THR B 585 0.31 -57.22 11.56
C THR B 585 -0.51 -56.04 12.04
N VAL B 586 -0.17 -54.86 11.54
CA VAL B 586 -0.91 -53.64 11.81
C VAL B 586 -1.28 -52.97 10.49
N THR B 587 -2.57 -52.72 10.31
CA THR B 587 -3.07 -52.08 9.12
C THR B 587 -2.61 -50.62 9.07
N THR B 588 -2.20 -50.19 7.88
CA THR B 588 -1.83 -48.79 7.67
C THR B 588 -3.06 -47.93 7.87
N ALA B 589 -2.83 -46.66 8.20
CA ALA B 589 -3.91 -45.73 8.52
C ALA B 589 -4.90 -45.54 7.37
N ASP B 590 -4.41 -45.60 6.13
CA ASP B 590 -5.28 -45.46 4.96
C ASP B 590 -6.07 -46.75 4.61
N GLY B 591 -5.83 -47.83 5.35
CA GLY B 591 -6.53 -49.10 5.13
C GLY B 591 -6.12 -49.83 3.86
N CYS B 592 -5.02 -49.39 3.24
CA CYS B 592 -4.59 -49.90 1.94
C CYS B 592 -3.67 -51.12 2.04
N GLY B 593 -3.20 -51.42 3.24
CA GLY B 593 -2.29 -52.54 3.44
C GLY B 593 -1.99 -52.79 4.90
N VAL B 594 -0.98 -53.63 5.15
CA VAL B 594 -0.54 -53.97 6.51
C VAL B 594 1.00 -53.95 6.62
N VAL B 595 1.50 -53.79 7.84
CA VAL B 595 2.92 -53.99 8.10
C VAL B 595 3.07 -55.10 9.11
N TYR B 596 4.17 -55.84 8.98
CA TYR B 596 4.48 -56.88 9.94
C TYR B 596 5.36 -56.27 11.05
N ARG B 597 4.72 -55.82 12.12
CA ARG B 597 5.47 -55.30 13.25
C ARG B 597 6.08 -56.45 14.06
N GLN B 598 7.35 -56.29 14.41
CA GLN B 598 8.11 -57.37 15.05
C GLN B 598 8.96 -56.81 16.18
N ARG B 599 8.80 -57.38 17.37
CA ARG B 599 9.56 -56.93 18.53
C ARG B 599 10.91 -57.62 18.62
N ASP B 600 11.94 -56.83 18.94
CA ASP B 600 13.26 -57.36 19.21
C ASP B 600 13.89 -56.58 20.35
N ARG B 601 14.14 -57.27 21.47
CA ARG B 601 14.69 -56.64 22.67
C ARG B 601 16.04 -55.96 22.42
N ALA B 602 16.94 -56.64 21.71
CA ALA B 602 18.24 -56.07 21.35
C ALA B 602 18.13 -54.89 20.37
N LYS B 603 17.32 -55.04 19.33
CA LYS B 603 17.12 -53.99 18.34
C LYS B 603 16.46 -52.75 18.96
N MET B 604 15.54 -52.98 19.89
CA MET B 604 14.84 -51.92 20.62
C MET B 604 15.77 -51.12 21.52
N PHE B 605 16.55 -51.81 22.36
CA PHE B 605 17.50 -51.13 23.23
C PHE B 605 18.55 -50.36 22.43
N ALA B 606 19.11 -50.98 21.39
CA ALA B 606 20.04 -50.28 20.50
C ALA B 606 19.46 -48.95 20.00
N LEU B 607 18.21 -48.97 19.53
CA LEU B 607 17.54 -47.76 19.05
C LEU B 607 17.25 -46.76 20.16
N LEU B 608 16.80 -47.25 21.31
CA LEU B 608 16.54 -46.40 22.48
C LEU B 608 17.82 -45.72 22.96
N TRP B 609 18.91 -46.48 23.01
CA TRP B 609 20.20 -45.96 23.42
C TRP B 609 20.71 -44.93 22.40
N GLN B 610 20.57 -45.24 21.12
CA GLN B 610 20.97 -44.31 20.06
C GLN B 610 20.20 -42.98 20.14
N SER B 611 18.94 -43.06 20.56
CA SER B 611 18.08 -41.88 20.73
C SER B 611 18.49 -41.02 21.92
N LEU B 612 18.62 -41.64 23.10
CA LEU B 612 19.07 -40.93 24.31
C LEU B 612 20.40 -40.21 24.07
N ARG B 613 21.30 -40.87 23.34
CA ARG B 613 22.57 -40.31 22.89
C ARG B 613 22.35 -38.97 22.17
N ARG B 614 21.41 -38.96 21.23
CA ARG B 614 21.09 -37.78 20.45
C ARG B 614 20.36 -36.73 21.27
N GLN B 615 19.49 -37.20 22.16
CA GLN B 615 18.77 -36.32 23.08
C GLN B 615 19.71 -35.49 23.94
N ARG B 616 20.77 -36.13 24.44
CA ARG B 616 21.80 -35.45 25.23
C ARG B 616 22.57 -34.46 24.37
N GLN B 617 22.84 -34.85 23.11
CA GLN B 617 23.52 -33.98 22.16
C GLN B 617 22.73 -32.70 21.89
N LEU B 618 21.41 -32.85 21.75
CA LEU B 618 20.52 -31.71 21.55
C LEU B 618 20.60 -30.66 22.67
N LEU B 619 20.46 -31.11 23.91
CA LEU B 619 20.42 -30.16 25.03
C LEU B 619 21.77 -29.50 25.35
N LYS B 620 22.85 -30.10 24.88
CA LYS B 620 24.18 -29.49 25.04
C LYS B 620 24.50 -28.55 23.87
N ARG B 621 24.03 -28.91 22.68
CA ARG B 621 24.41 -28.19 21.46
C ARG B 621 23.37 -27.20 20.94
N PHE B 622 22.20 -27.13 21.59
CA PHE B 622 21.12 -26.33 21.05
C PHE B 622 21.44 -24.83 20.98
N GLU B 623 22.04 -24.30 22.04
CA GLU B 623 22.44 -22.90 22.10
C GLU B 623 23.33 -22.54 20.91
N GLU B 624 24.22 -23.46 20.54
CA GLU B 624 25.11 -23.34 19.39
C GLU B 624 24.34 -23.37 18.07
N MET B 625 23.38 -24.29 17.95
CA MET B 625 22.54 -24.40 16.76
C MET B 625 21.76 -23.13 16.46
N ARG B 626 21.24 -22.49 17.51
CA ARG B 626 20.57 -21.19 17.39
C ARG B 626 21.45 -20.17 16.66
N ARG B 627 22.72 -20.09 17.06
CA ARG B 627 23.67 -19.14 16.47
C ARG B 627 23.96 -19.44 15.00
N ILE B 628 24.24 -20.70 14.68
CA ILE B 628 24.65 -21.09 13.34
C ILE B 628 23.49 -21.07 12.33
N TYR B 629 22.28 -21.38 12.78
CA TYR B 629 21.11 -21.27 11.91
C TYR B 629 20.69 -19.82 11.66
N ARG B 630 20.69 -19.00 12.72
CA ARG B 630 20.37 -17.58 12.57
C ARG B 630 21.36 -16.85 11.66
N ASP B 631 22.66 -17.13 11.83
CA ASP B 631 23.71 -16.59 10.98
C ASP B 631 23.56 -17.01 9.51
N ALA B 632 22.91 -18.14 9.30
CA ALA B 632 22.76 -18.71 7.95
C ALA B 632 21.46 -18.31 7.26
N LEU B 633 20.53 -17.70 8.01
CA LEU B 633 19.23 -17.31 7.47
C LEU B 633 19.29 -16.39 6.23
N PRO B 634 20.23 -15.41 6.21
CA PRO B 634 20.36 -14.58 5.00
C PRO B 634 20.73 -15.36 3.75
N THR B 635 21.50 -16.44 3.91
CA THR B 635 21.88 -17.32 2.80
C THR B 635 20.73 -18.27 2.40
N LEU B 636 20.12 -18.91 3.39
CA LEU B 636 19.06 -19.89 3.15
C LEU B 636 17.83 -19.25 2.51
N SER B 637 17.65 -17.95 2.72
CA SER B 637 16.48 -17.23 2.24
C SER B 637 16.74 -16.35 1.02
N SER B 638 17.96 -16.40 0.48
CA SER B 638 18.34 -15.56 -0.65
C SER B 638 17.93 -16.16 -2.00
N LYS B 639 17.49 -15.29 -2.91
CA LYS B 639 17.20 -15.65 -4.30
C LYS B 639 18.40 -16.38 -4.90
N GLN B 640 19.59 -15.85 -4.67
CA GLN B 640 20.83 -16.39 -5.24
C GLN B 640 21.08 -17.85 -4.87
N LYS B 641 21.12 -18.14 -3.57
CA LYS B 641 21.34 -19.52 -3.10
C LYS B 641 20.28 -20.49 -3.60
N TRP B 642 19.02 -20.02 -3.65
CA TRP B 642 17.93 -20.84 -4.15
C TRP B 642 18.03 -21.17 -5.64
N GLU B 643 18.55 -20.21 -6.42
CA GLU B 643 18.79 -20.41 -7.85
C GLU B 643 19.60 -21.68 -8.16
N THR B 644 20.56 -22.02 -7.31
CA THR B 644 21.38 -23.21 -7.53
C THR B 644 20.59 -24.52 -7.37
N ALA B 645 19.51 -24.48 -6.59
CA ALA B 645 18.62 -25.63 -6.47
C ALA B 645 17.49 -25.61 -7.50
N LEU B 646 16.92 -24.43 -7.75
CA LEU B 646 15.76 -24.29 -8.64
C LEU B 646 16.08 -24.44 -10.13
N LEU B 647 17.21 -23.87 -10.56
CA LEU B 647 17.64 -23.95 -11.96
C LEU B 647 18.59 -25.11 -12.23
N PRO B 648 18.38 -25.83 -13.35
CA PRO B 648 19.25 -26.93 -13.78
C PRO B 648 20.65 -26.45 -14.19
N ALA B 649 21.60 -27.39 -14.20
CA ALA B 649 22.98 -27.13 -14.65
C ALA B 649 23.61 -25.89 -14.00
C1 GOL C . -2.03 26.39 -26.58
O1 GOL C . -1.82 26.44 -25.18
C2 GOL C . -2.91 27.54 -27.04
O2 GOL C . -4.07 27.64 -26.25
C3 GOL C . -3.34 27.30 -28.48
O3 GOL C . -4.32 28.26 -28.83
C1 GOL D . 16.39 37.96 -35.69
O1 GOL D . 17.26 38.48 -36.67
C2 GOL D . 17.01 36.74 -35.01
O2 GOL D . 16.04 36.14 -34.16
C3 GOL D . 18.20 37.14 -34.15
O3 GOL D . 18.84 38.30 -34.64
C1 GOL E . 21.39 36.35 18.78
O1 GOL E . 21.57 37.19 19.91
C2 GOL E . 22.72 36.12 18.04
O2 GOL E . 23.41 37.35 17.85
C3 GOL E . 22.47 35.38 16.72
O3 GOL E . 22.67 36.20 15.59
MN MN F . -2.54 32.40 -5.60
C1 BME G . -19.90 -17.29 -7.34
C2 BME G . -18.70 -18.18 -6.99
O1 BME G . -20.56 -17.79 -8.51
S2 BME G . -18.29 -17.93 -5.24
C1 GOL H . -7.50 -14.10 -20.90
O1 GOL H . -6.38 -14.39 -20.11
C2 GOL H . -7.80 -15.25 -21.88
O2 GOL H . -6.64 -15.51 -22.65
C3 GOL H . -8.96 -14.86 -22.79
O3 GOL H . -9.88 -15.91 -22.87
MN MN I . -2.06 -30.91 -0.92
#